data_1VJW
# 
_entry.id   1VJW 
# 
_audit_conform.dict_name       mmcif_pdbx.dic 
_audit_conform.dict_version    5.397 
_audit_conform.dict_location   http://mmcif.pdb.org/dictionaries/ascii/mmcif_pdbx.dic 
# 
loop_
_database_2.database_id 
_database_2.database_code 
_database_2.pdbx_database_accession 
_database_2.pdbx_DOI 
PDB   1VJW         pdb_00001vjw 10.2210/pdb1vjw/pdb 
WWPDB D_1000177056 ?            ?                   
# 
loop_
_pdbx_audit_revision_history.ordinal 
_pdbx_audit_revision_history.data_content_type 
_pdbx_audit_revision_history.major_revision 
_pdbx_audit_revision_history.minor_revision 
_pdbx_audit_revision_history.revision_date 
1 'Structure model' 1 0 1996-12-23 
2 'Structure model' 1 1 2008-03-24 
3 'Structure model' 1 2 2011-07-13 
4 'Structure model' 1 3 2024-10-23 
# 
_pdbx_audit_revision_details.ordinal             1 
_pdbx_audit_revision_details.revision_ordinal    1 
_pdbx_audit_revision_details.data_content_type   'Structure model' 
_pdbx_audit_revision_details.provider            repository 
_pdbx_audit_revision_details.type                'Initial release' 
_pdbx_audit_revision_details.description         ? 
_pdbx_audit_revision_details.details             ? 
# 
loop_
_pdbx_audit_revision_group.ordinal 
_pdbx_audit_revision_group.revision_ordinal 
_pdbx_audit_revision_group.data_content_type 
_pdbx_audit_revision_group.group 
1 2 'Structure model' 'Version format compliance' 
2 3 'Structure model' 'Version format compliance' 
3 4 'Structure model' 'Data collection'           
4 4 'Structure model' 'Database references'       
5 4 'Structure model' 'Derived calculations'      
6 4 'Structure model' 'Structure summary'         
# 
loop_
_pdbx_audit_revision_category.ordinal 
_pdbx_audit_revision_category.revision_ordinal 
_pdbx_audit_revision_category.data_content_type 
_pdbx_audit_revision_category.category 
1 4 'Structure model' chem_comp_atom            
2 4 'Structure model' chem_comp_bond            
3 4 'Structure model' database_2                
4 4 'Structure model' pdbx_entry_details        
5 4 'Structure model' pdbx_modification_feature 
6 4 'Structure model' struct_conn               
7 4 'Structure model' struct_site               
# 
loop_
_pdbx_audit_revision_item.ordinal 
_pdbx_audit_revision_item.revision_ordinal 
_pdbx_audit_revision_item.data_content_type 
_pdbx_audit_revision_item.item 
1  4 'Structure model' '_database_2.pdbx_DOI'                
2  4 'Structure model' '_database_2.pdbx_database_accession' 
3  4 'Structure model' '_struct_conn.ptnr1_auth_comp_id'     
4  4 'Structure model' '_struct_conn.ptnr1_auth_seq_id'      
5  4 'Structure model' '_struct_conn.ptnr1_label_asym_id'    
6  4 'Structure model' '_struct_conn.ptnr1_label_atom_id'    
7  4 'Structure model' '_struct_conn.ptnr1_label_comp_id'    
8  4 'Structure model' '_struct_conn.ptnr1_label_seq_id'     
9  4 'Structure model' '_struct_conn.ptnr2_auth_comp_id'     
10 4 'Structure model' '_struct_conn.ptnr2_auth_seq_id'      
11 4 'Structure model' '_struct_conn.ptnr2_label_asym_id'    
12 4 'Structure model' '_struct_conn.ptnr2_label_atom_id'    
13 4 'Structure model' '_struct_conn.ptnr2_label_comp_id'    
14 4 'Structure model' '_struct_conn.ptnr2_label_seq_id'     
15 4 'Structure model' '_struct_site.pdbx_auth_asym_id'      
16 4 'Structure model' '_struct_site.pdbx_auth_comp_id'      
17 4 'Structure model' '_struct_site.pdbx_auth_seq_id'       
# 
_pdbx_database_status.status_code                     REL 
_pdbx_database_status.entry_id                        1VJW 
_pdbx_database_status.recvd_initial_deposition_date   1996-10-09 
_pdbx_database_status.deposit_site                    ? 
_pdbx_database_status.process_site                    BNL 
_pdbx_database_status.SG_entry                        . 
_pdbx_database_status.pdb_format_compatible           Y 
_pdbx_database_status.status_code_mr                  ? 
_pdbx_database_status.status_code_sf                  ? 
_pdbx_database_status.status_code_cs                  ? 
_pdbx_database_status.status_code_nmr_data            ? 
_pdbx_database_status.methods_development_category    ? 
# 
loop_
_audit_author.name 
_audit_author.pdbx_ordinal 
'Macedo-Ribeiro, S.' 1 
'Darimont, B.'       2 
'Sterner, R.'        3 
'Huber, R.'          4 
# 
_citation.id                        primary 
_citation.title                     
;Small structural changes account for the high thermostability of 1[4Fe-4S] ferredoxin from the hyperthermophilic bacterium Thermotoga maritima.
;
_citation.journal_abbrev            Structure 
_citation.journal_volume            4 
_citation.page_first                1291 
_citation.page_last                 1301 
_citation.year                      1996 
_citation.journal_id_ASTM           STRUE6 
_citation.country                   UK 
_citation.journal_id_ISSN           0969-2126 
_citation.journal_id_CSD            2005 
_citation.book_publisher            ? 
_citation.pdbx_database_id_PubMed   8939753 
_citation.pdbx_database_id_DOI      '10.1016/S0969-2126(96)00137-2' 
# 
loop_
_citation_author.citation_id 
_citation_author.name 
_citation_author.ordinal 
_citation_author.identifier_ORCID 
primary 'Macedo-Ribeiro, S.' 1 ? 
primary 'Darimont, B.'       2 ? 
primary 'Sterner, R.'        3 ? 
primary 'Huber, R.'          4 ? 
# 
loop_
_entity.id 
_entity.type 
_entity.src_method 
_entity.pdbx_description 
_entity.formula_weight 
_entity.pdbx_number_of_molecules 
_entity.pdbx_ec 
_entity.pdbx_mutation 
_entity.pdbx_fragment 
_entity.details 
1 polymer     man 'FERREDOXIN(A)'       6218.028 1  ? ? ? ? 
2 non-polymer syn 'IRON/SULFUR CLUSTER' 351.640  1  ? ? ? ? 
3 water       nat water                 18.015   40 ? ? ? ? 
# 
_entity_poly.entity_id                      1 
_entity_poly.type                           'polypeptide(L)' 
_entity_poly.nstd_linkage                   no 
_entity_poly.nstd_monomer                   no 
_entity_poly.pdbx_seq_one_letter_code       MKVRVDADACIGCGVCENLCPDVFQLGDDGKAKVLQPETDLPCAKDAADSCPTGAISVEE 
_entity_poly.pdbx_seq_one_letter_code_can   MKVRVDADACIGCGVCENLCPDVFQLGDDGKAKVLQPETDLPCAKDAADSCPTGAISVEE 
_entity_poly.pdbx_strand_id                 A 
_entity_poly.pdbx_target_identifier         ? 
# 
loop_
_pdbx_entity_nonpoly.entity_id 
_pdbx_entity_nonpoly.name 
_pdbx_entity_nonpoly.comp_id 
2 'IRON/SULFUR CLUSTER' SF4 
3 water                 HOH 
# 
loop_
_entity_poly_seq.entity_id 
_entity_poly_seq.num 
_entity_poly_seq.mon_id 
_entity_poly_seq.hetero 
1 1  MET n 
1 2  LYS n 
1 3  VAL n 
1 4  ARG n 
1 5  VAL n 
1 6  ASP n 
1 7  ALA n 
1 8  ASP n 
1 9  ALA n 
1 10 CYS n 
1 11 ILE n 
1 12 GLY n 
1 13 CYS n 
1 14 GLY n 
1 15 VAL n 
1 16 CYS n 
1 17 GLU n 
1 18 ASN n 
1 19 LEU n 
1 20 CYS n 
1 21 PRO n 
1 22 ASP n 
1 23 VAL n 
1 24 PHE n 
1 25 GLN n 
1 26 LEU n 
1 27 GLY n 
1 28 ASP n 
1 29 ASP n 
1 30 GLY n 
1 31 LYS n 
1 32 ALA n 
1 33 LYS n 
1 34 VAL n 
1 35 LEU n 
1 36 GLN n 
1 37 PRO n 
1 38 GLU n 
1 39 THR n 
1 40 ASP n 
1 41 LEU n 
1 42 PRO n 
1 43 CYS n 
1 44 ALA n 
1 45 LYS n 
1 46 ASP n 
1 47 ALA n 
1 48 ALA n 
1 49 ASP n 
1 50 SER n 
1 51 CYS n 
1 52 PRO n 
1 53 THR n 
1 54 GLY n 
1 55 ALA n 
1 56 ILE n 
1 57 SER n 
1 58 VAL n 
1 59 GLU n 
1 60 GLU n 
# 
_entity_src_gen.entity_id                          1 
_entity_src_gen.pdbx_src_id                        1 
_entity_src_gen.pdbx_alt_source_flag               sample 
_entity_src_gen.pdbx_seq_type                      ? 
_entity_src_gen.pdbx_beg_seq_num                   ? 
_entity_src_gen.pdbx_end_seq_num                   ? 
_entity_src_gen.gene_src_common_name               ? 
_entity_src_gen.gene_src_genus                     Thermotoga 
_entity_src_gen.pdbx_gene_src_gene                 ? 
_entity_src_gen.gene_src_species                   ? 
_entity_src_gen.gene_src_strain                    ? 
_entity_src_gen.gene_src_tissue                    ? 
_entity_src_gen.gene_src_tissue_fraction           ? 
_entity_src_gen.gene_src_details                   ? 
_entity_src_gen.pdbx_gene_src_fragment             ? 
_entity_src_gen.pdbx_gene_src_scientific_name      'Thermotoga maritima' 
_entity_src_gen.pdbx_gene_src_ncbi_taxonomy_id     2336 
_entity_src_gen.pdbx_gene_src_variant              ? 
_entity_src_gen.pdbx_gene_src_cell_line            ? 
_entity_src_gen.pdbx_gene_src_atcc                 ? 
_entity_src_gen.pdbx_gene_src_organ                ? 
_entity_src_gen.pdbx_gene_src_organelle            ? 
_entity_src_gen.pdbx_gene_src_cell                 ? 
_entity_src_gen.pdbx_gene_src_cellular_location    ? 
_entity_src_gen.host_org_common_name               ? 
_entity_src_gen.pdbx_host_org_scientific_name      'Escherichia coli' 
_entity_src_gen.pdbx_host_org_ncbi_taxonomy_id     562 
_entity_src_gen.host_org_genus                     Escherichia 
_entity_src_gen.pdbx_host_org_gene                 ? 
_entity_src_gen.pdbx_host_org_organ                ? 
_entity_src_gen.host_org_species                   ? 
_entity_src_gen.pdbx_host_org_tissue               ? 
_entity_src_gen.pdbx_host_org_tissue_fraction      ? 
_entity_src_gen.pdbx_host_org_strain               'JM 109' 
_entity_src_gen.pdbx_host_org_variant              ? 
_entity_src_gen.pdbx_host_org_cell_line            ? 
_entity_src_gen.pdbx_host_org_atcc                 ? 
_entity_src_gen.pdbx_host_org_culture_collection   ? 
_entity_src_gen.pdbx_host_org_cell                 ? 
_entity_src_gen.pdbx_host_org_organelle            ? 
_entity_src_gen.pdbx_host_org_cellular_location    ? 
_entity_src_gen.pdbx_host_org_vector_type          BACTERIUM 
_entity_src_gen.pdbx_host_org_vector               ? 
_entity_src_gen.host_org_details                   ? 
_entity_src_gen.expression_system_id               ? 
_entity_src_gen.plasmid_name                       M13-MP19 
_entity_src_gen.plasmid_details                    ? 
_entity_src_gen.pdbx_description                   ? 
# 
loop_
_chem_comp.id 
_chem_comp.type 
_chem_comp.mon_nstd_flag 
_chem_comp.name 
_chem_comp.pdbx_synonyms 
_chem_comp.formula 
_chem_comp.formula_weight 
ALA 'L-peptide linking' y ALANINE               ? 'C3 H7 N O2'     89.093  
ARG 'L-peptide linking' y ARGININE              ? 'C6 H15 N4 O2 1' 175.209 
ASN 'L-peptide linking' y ASPARAGINE            ? 'C4 H8 N2 O3'    132.118 
ASP 'L-peptide linking' y 'ASPARTIC ACID'       ? 'C4 H7 N O4'     133.103 
CYS 'L-peptide linking' y CYSTEINE              ? 'C3 H7 N O2 S'   121.158 
GLN 'L-peptide linking' y GLUTAMINE             ? 'C5 H10 N2 O3'   146.144 
GLU 'L-peptide linking' y 'GLUTAMIC ACID'       ? 'C5 H9 N O4'     147.129 
GLY 'peptide linking'   y GLYCINE               ? 'C2 H5 N O2'     75.067  
HOH non-polymer         . WATER                 ? 'H2 O'           18.015  
ILE 'L-peptide linking' y ISOLEUCINE            ? 'C6 H13 N O2'    131.173 
LEU 'L-peptide linking' y LEUCINE               ? 'C6 H13 N O2'    131.173 
LYS 'L-peptide linking' y LYSINE                ? 'C6 H15 N2 O2 1' 147.195 
MET 'L-peptide linking' y METHIONINE            ? 'C5 H11 N O2 S'  149.211 
PHE 'L-peptide linking' y PHENYLALANINE         ? 'C9 H11 N O2'    165.189 
PRO 'L-peptide linking' y PROLINE               ? 'C5 H9 N O2'     115.130 
SER 'L-peptide linking' y SERINE                ? 'C3 H7 N O3'     105.093 
SF4 non-polymer         . 'IRON/SULFUR CLUSTER' ? 'Fe4 S4'         351.640 
THR 'L-peptide linking' y THREONINE             ? 'C4 H9 N O3'     119.119 
VAL 'L-peptide linking' y VALINE                ? 'C5 H11 N O2'    117.146 
# 
loop_
_pdbx_poly_seq_scheme.asym_id 
_pdbx_poly_seq_scheme.entity_id 
_pdbx_poly_seq_scheme.seq_id 
_pdbx_poly_seq_scheme.mon_id 
_pdbx_poly_seq_scheme.ndb_seq_num 
_pdbx_poly_seq_scheme.pdb_seq_num 
_pdbx_poly_seq_scheme.auth_seq_num 
_pdbx_poly_seq_scheme.pdb_mon_id 
_pdbx_poly_seq_scheme.auth_mon_id 
_pdbx_poly_seq_scheme.pdb_strand_id 
_pdbx_poly_seq_scheme.pdb_ins_code 
_pdbx_poly_seq_scheme.hetero 
A 1 1  MET 1  1  1  MET MET A . n 
A 1 2  LYS 2  2  2  LYS LYS A . n 
A 1 3  VAL 3  3  3  VAL VAL A . n 
A 1 4  ARG 4  4  4  ARG ARG A . n 
A 1 5  VAL 5  5  5  VAL VAL A . n 
A 1 6  ASP 6  6  6  ASP ASP A . n 
A 1 7  ALA 7  7  7  ALA ALA A . n 
A 1 8  ASP 8  8  8  ASP ASP A . n 
A 1 9  ALA 9  9  9  ALA ALA A . n 
A 1 10 CYS 10 10 10 CYS CYS A . n 
A 1 11 ILE 11 11 11 ILE ILE A . n 
A 1 12 GLY 12 12 12 GLY GLY A . n 
A 1 13 CYS 13 13 13 CYS CYS A . n 
A 1 14 GLY 14 14 14 GLY GLY A . n 
A 1 15 VAL 15 15 15 VAL VAL A . n 
A 1 16 CYS 16 16 16 CYS CYS A . n 
A 1 17 GLU 17 17 17 GLU GLU A . n 
A 1 18 ASN 18 18 18 ASN ASN A . n 
A 1 19 LEU 19 19 19 LEU LEU A . n 
A 1 20 CYS 20 20 20 CYS CYS A . n 
A 1 21 PRO 21 21 21 PRO PRO A . n 
A 1 22 ASP 22 22 22 ASP ASP A . n 
A 1 23 VAL 23 23 23 VAL VAL A . n 
A 1 24 PHE 24 24 24 PHE PHE A . n 
A 1 25 GLN 25 25 25 GLN GLN A . n 
A 1 26 LEU 26 26 26 LEU LEU A . n 
A 1 27 GLY 27 27 27 GLY GLY A . n 
A 1 28 ASP 28 28 28 ASP ASP A . n 
A 1 29 ASP 29 29 29 ASP ASP A . n 
A 1 30 GLY 30 30 30 GLY GLY A . n 
A 1 31 LYS 31 31 31 LYS LYS A . n 
A 1 32 ALA 32 32 32 ALA ALA A . n 
A 1 33 LYS 33 33 33 LYS LYS A . n 
A 1 34 VAL 34 34 34 VAL VAL A . n 
A 1 35 LEU 35 35 35 LEU LEU A . n 
A 1 36 GLN 36 36 36 GLN GLN A . n 
A 1 37 PRO 37 37 37 PRO PRO A . n 
A 1 38 GLU 38 38 38 GLU GLU A . n 
A 1 39 THR 39 39 39 THR THR A . n 
A 1 40 ASP 40 40 40 ASP ASP A . n 
A 1 41 LEU 41 41 41 LEU LEU A . n 
A 1 42 PRO 42 42 42 PRO PRO A . n 
A 1 43 CYS 43 43 43 CYS CYS A . n 
A 1 44 ALA 44 44 44 ALA ALA A . n 
A 1 45 LYS 45 45 45 LYS LYS A . n 
A 1 46 ASP 46 46 46 ASP ASP A . n 
A 1 47 ALA 47 47 47 ALA ALA A . n 
A 1 48 ALA 48 48 48 ALA ALA A . n 
A 1 49 ASP 49 49 49 ASP ASP A . n 
A 1 50 SER 50 50 50 SER SER A . n 
A 1 51 CYS 51 51 51 CYS CYS A . n 
A 1 52 PRO 52 52 52 PRO PRO A . n 
A 1 53 THR 53 53 53 THR THR A . n 
A 1 54 GLY 54 54 54 GLY GLY A . n 
A 1 55 ALA 55 55 55 ALA ALA A . n 
A 1 56 ILE 56 56 56 ILE ILE A . n 
A 1 57 SER 57 57 57 SER SER A . n 
A 1 58 VAL 58 58 58 VAL VAL A . n 
A 1 59 GLU 59 59 59 GLU GLU A . n 
A 1 60 GLU 60 60 ?  ?   ?   A . n 
# 
loop_
_pdbx_nonpoly_scheme.asym_id 
_pdbx_nonpoly_scheme.entity_id 
_pdbx_nonpoly_scheme.mon_id 
_pdbx_nonpoly_scheme.ndb_seq_num 
_pdbx_nonpoly_scheme.pdb_seq_num 
_pdbx_nonpoly_scheme.auth_seq_num 
_pdbx_nonpoly_scheme.pdb_mon_id 
_pdbx_nonpoly_scheme.auth_mon_id 
_pdbx_nonpoly_scheme.pdb_strand_id 
_pdbx_nonpoly_scheme.pdb_ins_code 
B 2 SF4 1  61  60  SF4 FS4 A . 
C 3 HOH 1  62  61  HOH HOH A . 
C 3 HOH 2  63  62  HOH HOH A . 
C 3 HOH 3  64  63  HOH HOH A . 
C 3 HOH 4  65  64  HOH HOH A . 
C 3 HOH 5  66  65  HOH HOH A . 
C 3 HOH 6  67  66  HOH HOH A . 
C 3 HOH 7  68  67  HOH HOH A . 
C 3 HOH 8  69  68  HOH HOH A . 
C 3 HOH 9  70  69  HOH HOH A . 
C 3 HOH 10 71  70  HOH HOH A . 
C 3 HOH 11 72  71  HOH HOH A . 
C 3 HOH 12 73  72  HOH HOH A . 
C 3 HOH 13 74  73  HOH HOH A . 
C 3 HOH 14 75  74  HOH HOH A . 
C 3 HOH 15 76  75  HOH HOH A . 
C 3 HOH 16 77  76  HOH HOH A . 
C 3 HOH 17 78  77  HOH HOH A . 
C 3 HOH 18 79  78  HOH HOH A . 
C 3 HOH 19 80  79  HOH HOH A . 
C 3 HOH 20 81  80  HOH HOH A . 
C 3 HOH 21 82  81  HOH HOH A . 
C 3 HOH 22 83  82  HOH HOH A . 
C 3 HOH 23 84  83  HOH HOH A . 
C 3 HOH 24 85  84  HOH HOH A . 
C 3 HOH 25 86  85  HOH HOH A . 
C 3 HOH 26 87  86  HOH HOH A . 
C 3 HOH 27 88  87  HOH HOH A . 
C 3 HOH 28 89  88  HOH HOH A . 
C 3 HOH 29 90  89  HOH HOH A . 
C 3 HOH 30 91  90  HOH HOH A . 
C 3 HOH 31 92  91  HOH HOH A . 
C 3 HOH 32 93  92  HOH HOH A . 
C 3 HOH 33 94  93  HOH HOH A . 
C 3 HOH 34 95  94  HOH HOH A . 
C 3 HOH 35 96  95  HOH HOH A . 
C 3 HOH 36 97  96  HOH HOH A . 
C 3 HOH 37 98  97  HOH HOH A . 
C 3 HOH 38 99  98  HOH HOH A . 
C 3 HOH 39 100 99  HOH HOH A . 
C 3 HOH 40 101 100 HOH HOH A . 
# 
loop_
_pdbx_unobs_or_zero_occ_atoms.id 
_pdbx_unobs_or_zero_occ_atoms.PDB_model_num 
_pdbx_unobs_or_zero_occ_atoms.polymer_flag 
_pdbx_unobs_or_zero_occ_atoms.occupancy_flag 
_pdbx_unobs_or_zero_occ_atoms.auth_asym_id 
_pdbx_unobs_or_zero_occ_atoms.auth_comp_id 
_pdbx_unobs_or_zero_occ_atoms.auth_seq_id 
_pdbx_unobs_or_zero_occ_atoms.PDB_ins_code 
_pdbx_unobs_or_zero_occ_atoms.auth_atom_id 
_pdbx_unobs_or_zero_occ_atoms.label_alt_id 
_pdbx_unobs_or_zero_occ_atoms.label_asym_id 
_pdbx_unobs_or_zero_occ_atoms.label_comp_id 
_pdbx_unobs_or_zero_occ_atoms.label_seq_id 
_pdbx_unobs_or_zero_occ_atoms.label_atom_id 
1  1 Y 0 A ASP 40 ? OD1 ? A ASP 40 OD1 
2  1 Y 0 A ASP 40 ? OD2 ? A ASP 40 OD2 
3  1 Y 0 A LYS 45 ? CD  ? A LYS 45 CD  
4  1 Y 0 A LYS 45 ? CE  ? A LYS 45 CE  
5  1 Y 0 A LYS 45 ? NZ  ? A LYS 45 NZ  
6  1 Y 1 A GLU 59 ? O   ? A GLU 59 O   
7  1 Y 0 A GLU 59 ? CG  ? A GLU 59 CG  
8  1 Y 0 A GLU 59 ? CD  ? A GLU 59 CD  
9  1 Y 0 A GLU 59 ? OE1 ? A GLU 59 OE1 
10 1 Y 0 A GLU 59 ? OE2 ? A GLU 59 OE2 
# 
loop_
_software.name 
_software.classification 
_software.version 
_software.citation_id 
_software.pdbx_ordinal 
MOSFLM 'data reduction' V5.23 ? 1 
X-PLOR 'model building' .     ? 2 
X-PLOR refinement       .     ? 3 
X-PLOR phasing          .     ? 4 
# 
_cell.entry_id           1VJW 
_cell.length_a           29.630 
_cell.length_b           38.020 
_cell.length_c           44.360 
_cell.angle_alpha        90.00 
_cell.angle_beta         90.00 
_cell.angle_gamma        90.00 
_cell.Z_PDB              4 
_cell.pdbx_unique_axis   ? 
# 
_symmetry.entry_id                         1VJW 
_symmetry.space_group_name_H-M             'P 21 21 21' 
_symmetry.pdbx_full_space_group_name_H-M   ? 
_symmetry.cell_setting                     ? 
_symmetry.Int_Tables_number                19 
# 
_exptl.entry_id          1VJW 
_exptl.method            'X-RAY DIFFRACTION' 
_exptl.crystals_number   ? 
# 
_exptl_crystal.id                    1 
_exptl_crystal.density_meas          ? 
_exptl_crystal.density_Matthews      2.01 
_exptl_crystal.density_percent_sol   38.74 
_exptl_crystal.description           ? 
# 
_diffrn.id                     1 
_diffrn.ambient_temp           ? 
_diffrn.ambient_temp_details   ? 
_diffrn.crystal_id             1 
# 
_diffrn_detector.diffrn_id              1 
_diffrn_detector.detector               'IMAGE PLATE' 
_diffrn_detector.type                   MARRESEARCH 
_diffrn_detector.pdbx_collection_date   1995-08-08 
_diffrn_detector.details                ? 
# 
_diffrn_radiation.diffrn_id                        1 
_diffrn_radiation.wavelength_id                    1 
_diffrn_radiation.pdbx_monochromatic_or_laue_m_l   M 
_diffrn_radiation.monochromator                    ? 
_diffrn_radiation.pdbx_diffrn_protocol             ? 
_diffrn_radiation.pdbx_scattering_type             x-ray 
# 
_diffrn_radiation_wavelength.id           1 
_diffrn_radiation_wavelength.wavelength   1.5418 
_diffrn_radiation_wavelength.wt           1.0 
# 
_diffrn_source.diffrn_id                   1 
_diffrn_source.source                      ? 
_diffrn_source.type                        ? 
_diffrn_source.pdbx_synchrotron_site       ? 
_diffrn_source.pdbx_synchrotron_beamline   ? 
_diffrn_source.pdbx_wavelength             1.5418 
_diffrn_source.pdbx_wavelength_list        ? 
# 
_reflns.entry_id                     1VJW 
_reflns.observed_criterion_sigma_I   2.5 
_reflns.observed_criterion_sigma_F   ? 
_reflns.d_resolution_low             ? 
_reflns.d_resolution_high            ? 
_reflns.number_obs                   5864 
_reflns.number_all                   ? 
_reflns.percent_possible_obs         97.9 
_reflns.pdbx_Rmerge_I_obs            0.078 
_reflns.pdbx_Rsym_value              ? 
_reflns.pdbx_netI_over_sigmaI        ? 
_reflns.B_iso_Wilson_estimate        ? 
_reflns.pdbx_redundancy              ? 
_reflns.pdbx_diffrn_id               1 
_reflns.pdbx_ordinal                 1 
# 
_refine.entry_id                                 1VJW 
_refine.ls_number_reflns_obs                     5261 
_refine.ls_number_reflns_all                     ? 
_refine.pdbx_ls_sigma_I                          ? 
_refine.pdbx_ls_sigma_F                          2.0 
_refine.pdbx_data_cutoff_high_absF               ? 
_refine.pdbx_data_cutoff_low_absF                ? 
_refine.pdbx_data_cutoff_high_rms_absF           ? 
_refine.ls_d_res_low                             10. 
_refine.ls_d_res_high                            1.75 
_refine.ls_percent_reflns_obs                    ? 
_refine.ls_R_factor_obs                          0.159 
_refine.ls_R_factor_all                          ? 
_refine.ls_R_factor_R_work                       0.159 
_refine.ls_R_factor_R_free                       ? 
_refine.ls_R_factor_R_free_error                 ? 
_refine.ls_R_factor_R_free_error_details         ? 
_refine.ls_percent_reflns_R_free                 ? 
_refine.ls_number_reflns_R_free                  ? 
_refine.ls_number_parameters                     ? 
_refine.ls_number_restraints                     ? 
_refine.occupancy_min                            ? 
_refine.occupancy_max                            ? 
_refine.B_iso_mean                               20.75 
_refine.aniso_B[1][1]                            ? 
_refine.aniso_B[2][2]                            ? 
_refine.aniso_B[3][3]                            ? 
_refine.aniso_B[1][2]                            ? 
_refine.aniso_B[1][3]                            ? 
_refine.aniso_B[2][3]                            ? 
_refine.solvent_model_details                    ? 
_refine.solvent_model_param_ksol                 ? 
_refine.solvent_model_param_bsol                 ? 
_refine.pdbx_ls_cross_valid_method               ? 
_refine.details                                  ? 
_refine.pdbx_starting_model                      ? 
_refine.pdbx_method_to_determine_struct          ? 
_refine.pdbx_isotropic_thermal_model             ? 
_refine.pdbx_stereochemistry_target_values       ? 
_refine.pdbx_stereochem_target_val_spec_case     ? 
_refine.pdbx_R_Free_selection_details            ? 
_refine.pdbx_overall_ESU_R                       ? 
_refine.pdbx_overall_ESU_R_Free                  ? 
_refine.overall_SU_ML                            ? 
_refine.overall_SU_B                             ? 
_refine.pdbx_refine_id                           'X-RAY DIFFRACTION' 
_refine.pdbx_diffrn_id                           1 
_refine.pdbx_TLS_residual_ADP_flag               ? 
_refine.correlation_coeff_Fo_to_Fc               ? 
_refine.correlation_coeff_Fo_to_Fc_free          ? 
_refine.pdbx_solvent_vdw_probe_radii             ? 
_refine.pdbx_solvent_ion_probe_radii             ? 
_refine.pdbx_solvent_shrinkage_radii             ? 
_refine.pdbx_overall_phase_error                 ? 
_refine.overall_SU_R_Cruickshank_DPI             ? 
_refine.pdbx_overall_SU_R_free_Cruickshank_DPI   ? 
_refine.pdbx_overall_SU_R_Blow_DPI               ? 
_refine.pdbx_overall_SU_R_free_Blow_DPI          ? 
# 
_refine_hist.pdbx_refine_id                   'X-RAY DIFFRACTION' 
_refine_hist.cycle_id                         LAST 
_refine_hist.pdbx_number_atoms_protein        428 
_refine_hist.pdbx_number_atoms_nucleic_acid   0 
_refine_hist.pdbx_number_atoms_ligand         8 
_refine_hist.number_atoms_solvent             40 
_refine_hist.number_atoms_total               476 
_refine_hist.d_res_high                       1.75 
_refine_hist.d_res_low                        10. 
# 
loop_
_refine_ls_restr.type 
_refine_ls_restr.dev_ideal 
_refine_ls_restr.dev_ideal_target 
_refine_ls_restr.weight 
_refine_ls_restr.number 
_refine_ls_restr.pdbx_refine_id 
_refine_ls_restr.pdbx_restraint_function 
x_bond_d                0.009 ? ? ? 'X-RAY DIFFRACTION' ? 
x_bond_d_na             ?     ? ? ? 'X-RAY DIFFRACTION' ? 
x_bond_d_prot           ?     ? ? ? 'X-RAY DIFFRACTION' ? 
x_angle_d               ?     ? ? ? 'X-RAY DIFFRACTION' ? 
x_angle_d_na            ?     ? ? ? 'X-RAY DIFFRACTION' ? 
x_angle_d_prot          ?     ? ? ? 'X-RAY DIFFRACTION' ? 
x_angle_deg             1.856 ? ? ? 'X-RAY DIFFRACTION' ? 
x_angle_deg_na          ?     ? ? ? 'X-RAY DIFFRACTION' ? 
x_angle_deg_prot        ?     ? ? ? 'X-RAY DIFFRACTION' ? 
x_dihedral_angle_d      ?     ? ? ? 'X-RAY DIFFRACTION' ? 
x_dihedral_angle_d_na   ?     ? ? ? 'X-RAY DIFFRACTION' ? 
x_dihedral_angle_d_prot ?     ? ? ? 'X-RAY DIFFRACTION' ? 
x_improper_angle_d      ?     ? ? ? 'X-RAY DIFFRACTION' ? 
x_improper_angle_d_na   ?     ? ? ? 'X-RAY DIFFRACTION' ? 
x_improper_angle_d_prot ?     ? ? ? 'X-RAY DIFFRACTION' ? 
x_mcbond_it             ?     ? ? ? 'X-RAY DIFFRACTION' ? 
x_mcangle_it            ?     ? ? ? 'X-RAY DIFFRACTION' ? 
x_scbond_it             ?     ? ? ? 'X-RAY DIFFRACTION' ? 
x_scangle_it            ?     ? ? ? 'X-RAY DIFFRACTION' ? 
# 
_struct.entry_id                  1VJW 
_struct.title                     'STRUCTURE OF OXIDOREDUCTASE (NADP+(A),FERREDOXIN(A))' 
_struct.pdbx_model_details        ? 
_struct.pdbx_CASP_flag            ? 
_struct.pdbx_model_type_details   ? 
# 
_struct_keywords.entry_id        1VJW 
_struct_keywords.pdbx_keywords   OXIDOREDUCTASE 
_struct_keywords.text            'THERMOSTABLE, ELECTRON TRANSPORT, IRON-SULFUR, 4FE-4S, OXIDOREDUCTASE' 
# 
loop_
_struct_asym.id 
_struct_asym.pdbx_blank_PDB_chainid_flag 
_struct_asym.pdbx_modified 
_struct_asym.entity_id 
_struct_asym.details 
A N N 1 ? 
B N N 2 ? 
C N N 3 ? 
# 
_struct_ref.id                         1 
_struct_ref.db_name                    UNP 
_struct_ref.db_code                    FER_THEMA 
_struct_ref.entity_id                  1 
_struct_ref.pdbx_db_accession          P46797 
_struct_ref.pdbx_align_begin           1 
_struct_ref.pdbx_seq_one_letter_code   MKVRVDADACIGCGVCENLCPDVFQLGDDGKAKVLQPETDLPCAKDAADSCPTGAISVEE 
_struct_ref.pdbx_db_isoform            ? 
# 
_struct_ref_seq.align_id                      1 
_struct_ref_seq.ref_id                        1 
_struct_ref_seq.pdbx_PDB_id_code              1VJW 
_struct_ref_seq.pdbx_strand_id                A 
_struct_ref_seq.seq_align_beg                 1 
_struct_ref_seq.pdbx_seq_align_beg_ins_code   ? 
_struct_ref_seq.seq_align_end                 60 
_struct_ref_seq.pdbx_seq_align_end_ins_code   ? 
_struct_ref_seq.pdbx_db_accession             P46797 
_struct_ref_seq.db_align_beg                  1 
_struct_ref_seq.pdbx_db_align_beg_ins_code    ? 
_struct_ref_seq.db_align_end                  60 
_struct_ref_seq.pdbx_db_align_end_ins_code    ? 
_struct_ref_seq.pdbx_auth_seq_align_beg       1 
_struct_ref_seq.pdbx_auth_seq_align_end       60 
# 
_pdbx_struct_assembly.id                   1 
_pdbx_struct_assembly.details              author_defined_assembly 
_pdbx_struct_assembly.method_details       ? 
_pdbx_struct_assembly.oligomeric_details   monomeric 
_pdbx_struct_assembly.oligomeric_count     1 
# 
_pdbx_struct_assembly_gen.assembly_id       1 
_pdbx_struct_assembly_gen.oper_expression   1 
_pdbx_struct_assembly_gen.asym_id_list      A,B,C 
# 
_pdbx_struct_oper_list.id                   1 
_pdbx_struct_oper_list.type                 'identity operation' 
_pdbx_struct_oper_list.name                 1_555 
_pdbx_struct_oper_list.symmetry_operation   x,y,z 
_pdbx_struct_oper_list.matrix[1][1]         1.0000000000 
_pdbx_struct_oper_list.matrix[1][2]         0.0000000000 
_pdbx_struct_oper_list.matrix[1][3]         0.0000000000 
_pdbx_struct_oper_list.vector[1]            0.0000000000 
_pdbx_struct_oper_list.matrix[2][1]         0.0000000000 
_pdbx_struct_oper_list.matrix[2][2]         1.0000000000 
_pdbx_struct_oper_list.matrix[2][3]         0.0000000000 
_pdbx_struct_oper_list.vector[2]            0.0000000000 
_pdbx_struct_oper_list.matrix[3][1]         0.0000000000 
_pdbx_struct_oper_list.matrix[3][2]         0.0000000000 
_pdbx_struct_oper_list.matrix[3][3]         1.0000000000 
_pdbx_struct_oper_list.vector[3]            0.0000000000 
# 
_struct_biol.id   1 
# 
loop_
_struct_conf.conf_type_id 
_struct_conf.id 
_struct_conf.pdbx_PDB_helix_id 
_struct_conf.beg_label_comp_id 
_struct_conf.beg_label_asym_id 
_struct_conf.beg_label_seq_id 
_struct_conf.pdbx_beg_PDB_ins_code 
_struct_conf.end_label_comp_id 
_struct_conf.end_label_asym_id 
_struct_conf.end_label_seq_id 
_struct_conf.pdbx_end_PDB_ins_code 
_struct_conf.beg_auth_comp_id 
_struct_conf.beg_auth_asym_id 
_struct_conf.beg_auth_seq_id 
_struct_conf.end_auth_comp_id 
_struct_conf.end_auth_asym_id 
_struct_conf.end_auth_seq_id 
_struct_conf.pdbx_PDB_helix_class 
_struct_conf.details 
_struct_conf.pdbx_PDB_helix_length 
HELX_P HELX_P1 1 VAL A 15 ? LEU A 19 ? VAL A 15 LEU A 19 1 ? 5 
HELX_P HELX_P2 2 PRO A 42 ? SER A 50 ? PRO A 42 SER A 50 5 ? 9 
# 
_struct_conf_type.id          HELX_P 
_struct_conf_type.criteria    ? 
_struct_conf_type.reference   ? 
# 
loop_
_struct_conn.id 
_struct_conn.conn_type_id 
_struct_conn.pdbx_leaving_atom_flag 
_struct_conn.pdbx_PDB_id 
_struct_conn.ptnr1_label_asym_id 
_struct_conn.ptnr1_label_comp_id 
_struct_conn.ptnr1_label_seq_id 
_struct_conn.ptnr1_label_atom_id 
_struct_conn.pdbx_ptnr1_label_alt_id 
_struct_conn.pdbx_ptnr1_PDB_ins_code 
_struct_conn.pdbx_ptnr1_standard_comp_id 
_struct_conn.ptnr1_symmetry 
_struct_conn.ptnr2_label_asym_id 
_struct_conn.ptnr2_label_comp_id 
_struct_conn.ptnr2_label_seq_id 
_struct_conn.ptnr2_label_atom_id 
_struct_conn.pdbx_ptnr2_label_alt_id 
_struct_conn.pdbx_ptnr2_PDB_ins_code 
_struct_conn.ptnr1_auth_asym_id 
_struct_conn.ptnr1_auth_comp_id 
_struct_conn.ptnr1_auth_seq_id 
_struct_conn.ptnr2_auth_asym_id 
_struct_conn.ptnr2_auth_comp_id 
_struct_conn.ptnr2_auth_seq_id 
_struct_conn.ptnr2_symmetry 
_struct_conn.pdbx_ptnr3_label_atom_id 
_struct_conn.pdbx_ptnr3_label_seq_id 
_struct_conn.pdbx_ptnr3_label_comp_id 
_struct_conn.pdbx_ptnr3_label_asym_id 
_struct_conn.pdbx_ptnr3_label_alt_id 
_struct_conn.pdbx_ptnr3_PDB_ins_code 
_struct_conn.details 
_struct_conn.pdbx_dist_value 
_struct_conn.pdbx_value_order 
_struct_conn.pdbx_role 
disulf1 disulf ? ? A CYS 20 SG ? ? ? 1_555 A CYS 43 SG  ? ? A CYS 20 A CYS 43 1_555 ? ? ? ? ? ? ? 2.035 ? ? 
metalc1 metalc ? ? A CYS 10 SG ? ? ? 1_555 B SF4 .  FE1 ? ? A CYS 10 A SF4 61 1_555 ? ? ? ? ? ? ? 2.246 ? ? 
metalc2 metalc ? ? A CYS 13 SG ? ? ? 1_555 B SF4 .  FE2 ? ? A CYS 13 A SF4 61 1_555 ? ? ? ? ? ? ? 2.246 ? ? 
metalc3 metalc ? ? A CYS 16 SG ? ? ? 1_555 B SF4 .  FE3 ? ? A CYS 16 A SF4 61 1_555 ? ? ? ? ? ? ? 2.244 ? ? 
metalc4 metalc ? ? A CYS 51 SG ? ? ? 1_555 B SF4 .  FE4 ? ? A CYS 51 A SF4 61 1_555 ? ? ? ? ? ? ? 2.219 ? ? 
# 
loop_
_struct_conn_type.id 
_struct_conn_type.criteria 
_struct_conn_type.reference 
disulf ? ? 
metalc ? ? 
# 
loop_
_pdbx_struct_conn_angle.id 
_pdbx_struct_conn_angle.ptnr1_label_atom_id 
_pdbx_struct_conn_angle.ptnr1_label_alt_id 
_pdbx_struct_conn_angle.ptnr1_label_asym_id 
_pdbx_struct_conn_angle.ptnr1_label_comp_id 
_pdbx_struct_conn_angle.ptnr1_label_seq_id 
_pdbx_struct_conn_angle.ptnr1_auth_atom_id 
_pdbx_struct_conn_angle.ptnr1_auth_asym_id 
_pdbx_struct_conn_angle.ptnr1_auth_comp_id 
_pdbx_struct_conn_angle.ptnr1_auth_seq_id 
_pdbx_struct_conn_angle.ptnr1_PDB_ins_code 
_pdbx_struct_conn_angle.ptnr1_symmetry 
_pdbx_struct_conn_angle.ptnr2_label_atom_id 
_pdbx_struct_conn_angle.ptnr2_label_alt_id 
_pdbx_struct_conn_angle.ptnr2_label_asym_id 
_pdbx_struct_conn_angle.ptnr2_label_comp_id 
_pdbx_struct_conn_angle.ptnr2_label_seq_id 
_pdbx_struct_conn_angle.ptnr2_auth_atom_id 
_pdbx_struct_conn_angle.ptnr2_auth_asym_id 
_pdbx_struct_conn_angle.ptnr2_auth_comp_id 
_pdbx_struct_conn_angle.ptnr2_auth_seq_id 
_pdbx_struct_conn_angle.ptnr2_PDB_ins_code 
_pdbx_struct_conn_angle.ptnr2_symmetry 
_pdbx_struct_conn_angle.ptnr3_label_atom_id 
_pdbx_struct_conn_angle.ptnr3_label_alt_id 
_pdbx_struct_conn_angle.ptnr3_label_asym_id 
_pdbx_struct_conn_angle.ptnr3_label_comp_id 
_pdbx_struct_conn_angle.ptnr3_label_seq_id 
_pdbx_struct_conn_angle.ptnr3_auth_atom_id 
_pdbx_struct_conn_angle.ptnr3_auth_asym_id 
_pdbx_struct_conn_angle.ptnr3_auth_comp_id 
_pdbx_struct_conn_angle.ptnr3_auth_seq_id 
_pdbx_struct_conn_angle.ptnr3_PDB_ins_code 
_pdbx_struct_conn_angle.ptnr3_symmetry 
_pdbx_struct_conn_angle.value 
_pdbx_struct_conn_angle.value_esd 
1  SG ? A CYS 10 ? A CYS 10 ? 1_555 FE1 ? B SF4 . ? A SF4 61 ? 1_555 S2 ? B SF4 . ? A SF4 61 ? 1_555 117.6 ? 
2  SG ? A CYS 10 ? A CYS 10 ? 1_555 FE1 ? B SF4 . ? A SF4 61 ? 1_555 S3 ? B SF4 . ? A SF4 61 ? 1_555 118.0 ? 
3  S2 ? B SF4 .  ? A SF4 61 ? 1_555 FE1 ? B SF4 . ? A SF4 61 ? 1_555 S3 ? B SF4 . ? A SF4 61 ? 1_555 103.9 ? 
4  SG ? A CYS 10 ? A CYS 10 ? 1_555 FE1 ? B SF4 . ? A SF4 61 ? 1_555 S4 ? B SF4 . ? A SF4 61 ? 1_555 106.7 ? 
5  S2 ? B SF4 .  ? A SF4 61 ? 1_555 FE1 ? B SF4 . ? A SF4 61 ? 1_555 S4 ? B SF4 . ? A SF4 61 ? 1_555 104.9 ? 
6  S3 ? B SF4 .  ? A SF4 61 ? 1_555 FE1 ? B SF4 . ? A SF4 61 ? 1_555 S4 ? B SF4 . ? A SF4 61 ? 1_555 104.1 ? 
7  SG ? A CYS 13 ? A CYS 13 ? 1_555 FE2 ? B SF4 . ? A SF4 61 ? 1_555 S1 ? B SF4 . ? A SF4 61 ? 1_555 103.0 ? 
8  SG ? A CYS 13 ? A CYS 13 ? 1_555 FE2 ? B SF4 . ? A SF4 61 ? 1_555 S3 ? B SF4 . ? A SF4 61 ? 1_555 120.3 ? 
9  S1 ? B SF4 .  ? A SF4 61 ? 1_555 FE2 ? B SF4 . ? A SF4 61 ? 1_555 S3 ? B SF4 . ? A SF4 61 ? 1_555 104.0 ? 
10 SG ? A CYS 13 ? A CYS 13 ? 1_555 FE2 ? B SF4 . ? A SF4 61 ? 1_555 S4 ? B SF4 . ? A SF4 61 ? 1_555 122.8 ? 
11 S1 ? B SF4 .  ? A SF4 61 ? 1_555 FE2 ? B SF4 . ? A SF4 61 ? 1_555 S4 ? B SF4 . ? A SF4 61 ? 1_555 102.6 ? 
12 S3 ? B SF4 .  ? A SF4 61 ? 1_555 FE2 ? B SF4 . ? A SF4 61 ? 1_555 S4 ? B SF4 . ? A SF4 61 ? 1_555 101.4 ? 
13 SG ? A CYS 16 ? A CYS 16 ? 1_555 FE3 ? B SF4 . ? A SF4 61 ? 1_555 S1 ? B SF4 . ? A SF4 61 ? 1_555 113.2 ? 
14 SG ? A CYS 16 ? A CYS 16 ? 1_555 FE3 ? B SF4 . ? A SF4 61 ? 1_555 S2 ? B SF4 . ? A SF4 61 ? 1_555 123.7 ? 
15 S1 ? B SF4 .  ? A SF4 61 ? 1_555 FE3 ? B SF4 . ? A SF4 61 ? 1_555 S2 ? B SF4 . ? A SF4 61 ? 1_555 101.4 ? 
16 SG ? A CYS 16 ? A CYS 16 ? 1_555 FE3 ? B SF4 . ? A SF4 61 ? 1_555 S4 ? B SF4 . ? A SF4 61 ? 1_555 108.8 ? 
17 S1 ? B SF4 .  ? A SF4 61 ? 1_555 FE3 ? B SF4 . ? A SF4 61 ? 1_555 S4 ? B SF4 . ? A SF4 61 ? 1_555 105.3 ? 
18 S2 ? B SF4 .  ? A SF4 61 ? 1_555 FE3 ? B SF4 . ? A SF4 61 ? 1_555 S4 ? B SF4 . ? A SF4 61 ? 1_555 102.6 ? 
19 SG ? A CYS 51 ? A CYS 51 ? 1_555 FE4 ? B SF4 . ? A SF4 61 ? 1_555 S1 ? B SF4 . ? A SF4 61 ? 1_555 111.9 ? 
20 SG ? A CYS 51 ? A CYS 51 ? 1_555 FE4 ? B SF4 . ? A SF4 61 ? 1_555 S2 ? B SF4 . ? A SF4 61 ? 1_555 120.1 ? 
21 S1 ? B SF4 .  ? A SF4 61 ? 1_555 FE4 ? B SF4 . ? A SF4 61 ? 1_555 S2 ? B SF4 . ? A SF4 61 ? 1_555 103.3 ? 
22 SG ? A CYS 51 ? A CYS 51 ? 1_555 FE4 ? B SF4 . ? A SF4 61 ? 1_555 S3 ? B SF4 . ? A SF4 61 ? 1_555 109.6 ? 
23 S1 ? B SF4 .  ? A SF4 61 ? 1_555 FE4 ? B SF4 . ? A SF4 61 ? 1_555 S3 ? B SF4 . ? A SF4 61 ? 1_555 106.5 ? 
24 S2 ? B SF4 .  ? A SF4 61 ? 1_555 FE4 ? B SF4 . ? A SF4 61 ? 1_555 S3 ? B SF4 . ? A SF4 61 ? 1_555 104.2 ? 
# 
_pdbx_modification_feature.ordinal                            1 
_pdbx_modification_feature.label_comp_id                      CYS 
_pdbx_modification_feature.label_asym_id                      A 
_pdbx_modification_feature.label_seq_id                       20 
_pdbx_modification_feature.label_alt_id                       ? 
_pdbx_modification_feature.modified_residue_label_comp_id     CYS 
_pdbx_modification_feature.modified_residue_label_asym_id     A 
_pdbx_modification_feature.modified_residue_label_seq_id      43 
_pdbx_modification_feature.modified_residue_label_alt_id      ? 
_pdbx_modification_feature.auth_comp_id                       CYS 
_pdbx_modification_feature.auth_asym_id                       A 
_pdbx_modification_feature.auth_seq_id                        20 
_pdbx_modification_feature.PDB_ins_code                       ? 
_pdbx_modification_feature.symmetry                           1_555 
_pdbx_modification_feature.modified_residue_auth_comp_id      CYS 
_pdbx_modification_feature.modified_residue_auth_asym_id      A 
_pdbx_modification_feature.modified_residue_auth_seq_id       43 
_pdbx_modification_feature.modified_residue_PDB_ins_code      ? 
_pdbx_modification_feature.modified_residue_symmetry          1_555 
_pdbx_modification_feature.comp_id_linking_atom               SG 
_pdbx_modification_feature.modified_residue_id_linking_atom   SG 
_pdbx_modification_feature.modified_residue_id                . 
_pdbx_modification_feature.ref_pcm_id                         . 
_pdbx_modification_feature.ref_comp_id                        . 
_pdbx_modification_feature.type                               None 
_pdbx_modification_feature.category                           'Disulfide bridge' 
# 
loop_
_struct_sheet.id 
_struct_sheet.type 
_struct_sheet.number_strands 
_struct_sheet.details 
A ? 2 ? 
B ? 2 ? 
# 
loop_
_struct_sheet_order.sheet_id 
_struct_sheet_order.range_id_1 
_struct_sheet_order.range_id_2 
_struct_sheet_order.offset 
_struct_sheet_order.sense 
A 1 2 ? anti-parallel 
B 1 2 ? anti-parallel 
# 
loop_
_struct_sheet_range.sheet_id 
_struct_sheet_range.id 
_struct_sheet_range.beg_label_comp_id 
_struct_sheet_range.beg_label_asym_id 
_struct_sheet_range.beg_label_seq_id 
_struct_sheet_range.pdbx_beg_PDB_ins_code 
_struct_sheet_range.end_label_comp_id 
_struct_sheet_range.end_label_asym_id 
_struct_sheet_range.end_label_seq_id 
_struct_sheet_range.pdbx_end_PDB_ins_code 
_struct_sheet_range.beg_auth_comp_id 
_struct_sheet_range.beg_auth_asym_id 
_struct_sheet_range.beg_auth_seq_id 
_struct_sheet_range.end_auth_comp_id 
_struct_sheet_range.end_auth_asym_id 
_struct_sheet_range.end_auth_seq_id 
A 1 LYS A 2  ? VAL A 5  ? LYS A 2  VAL A 5  
A 2 ILE A 56 ? GLU A 59 ? ILE A 56 GLU A 59 
B 1 PHE A 24 ? GLY A 27 ? PHE A 24 GLY A 27 
B 2 ALA A 32 ? VAL A 34 ? ALA A 32 VAL A 34 
# 
loop_
_pdbx_struct_sheet_hbond.sheet_id 
_pdbx_struct_sheet_hbond.range_id_1 
_pdbx_struct_sheet_hbond.range_id_2 
_pdbx_struct_sheet_hbond.range_1_label_atom_id 
_pdbx_struct_sheet_hbond.range_1_label_comp_id 
_pdbx_struct_sheet_hbond.range_1_label_asym_id 
_pdbx_struct_sheet_hbond.range_1_label_seq_id 
_pdbx_struct_sheet_hbond.range_1_PDB_ins_code 
_pdbx_struct_sheet_hbond.range_1_auth_atom_id 
_pdbx_struct_sheet_hbond.range_1_auth_comp_id 
_pdbx_struct_sheet_hbond.range_1_auth_asym_id 
_pdbx_struct_sheet_hbond.range_1_auth_seq_id 
_pdbx_struct_sheet_hbond.range_2_label_atom_id 
_pdbx_struct_sheet_hbond.range_2_label_comp_id 
_pdbx_struct_sheet_hbond.range_2_label_asym_id 
_pdbx_struct_sheet_hbond.range_2_label_seq_id 
_pdbx_struct_sheet_hbond.range_2_PDB_ins_code 
_pdbx_struct_sheet_hbond.range_2_auth_atom_id 
_pdbx_struct_sheet_hbond.range_2_auth_comp_id 
_pdbx_struct_sheet_hbond.range_2_auth_asym_id 
_pdbx_struct_sheet_hbond.range_2_auth_seq_id 
A 1 2 O LYS A 2  ? O LYS A 2  N GLU A 59 ? N GLU A 59 
B 1 2 O GLN A 25 ? O GLN A 25 N LYS A 33 ? N LYS A 33 
# 
_struct_site.id                   AC1 
_struct_site.pdbx_evidence_code   Software 
_struct_site.pdbx_auth_asym_id    A 
_struct_site.pdbx_auth_comp_id    SF4 
_struct_site.pdbx_auth_seq_id     61 
_struct_site.pdbx_auth_ins_code   ? 
_struct_site.pdbx_num_residues    7 
_struct_site.details              'BINDING SITE FOR RESIDUE SF4 A 61' 
# 
loop_
_struct_site_gen.id 
_struct_site_gen.site_id 
_struct_site_gen.pdbx_num_res 
_struct_site_gen.label_comp_id 
_struct_site_gen.label_asym_id 
_struct_site_gen.label_seq_id 
_struct_site_gen.pdbx_auth_ins_code 
_struct_site_gen.auth_comp_id 
_struct_site_gen.auth_asym_id 
_struct_site_gen.auth_seq_id 
_struct_site_gen.label_atom_id 
_struct_site_gen.label_alt_id 
_struct_site_gen.symmetry 
_struct_site_gen.details 
1 AC1 7 CYS A 10 ? CYS A 10 . ? 1_555 ? 
2 AC1 7 ILE A 11 ? ILE A 11 . ? 1_555 ? 
3 AC1 7 CYS A 13 ? CYS A 13 . ? 1_555 ? 
4 AC1 7 GLY A 14 ? GLY A 14 . ? 1_555 ? 
5 AC1 7 CYS A 16 ? CYS A 16 . ? 1_555 ? 
6 AC1 7 CYS A 51 ? CYS A 51 . ? 1_555 ? 
7 AC1 7 ILE A 56 ? ILE A 56 . ? 1_555 ? 
# 
_pdbx_entry_details.entry_id                   1VJW 
_pdbx_entry_details.compound_details           ? 
_pdbx_entry_details.source_details             ? 
_pdbx_entry_details.nonpolymer_details         ? 
_pdbx_entry_details.sequence_details           ? 
_pdbx_entry_details.has_ligand_of_interest     ? 
_pdbx_entry_details.has_protein_modification   Y 
# 
_pdbx_validate_symm_contact.id                1 
_pdbx_validate_symm_contact.PDB_model_num     1 
_pdbx_validate_symm_contact.auth_atom_id_1    O 
_pdbx_validate_symm_contact.auth_asym_id_1    A 
_pdbx_validate_symm_contact.auth_comp_id_1    HOH 
_pdbx_validate_symm_contact.auth_seq_id_1     87 
_pdbx_validate_symm_contact.PDB_ins_code_1    ? 
_pdbx_validate_symm_contact.label_alt_id_1    ? 
_pdbx_validate_symm_contact.site_symmetry_1   1_555 
_pdbx_validate_symm_contact.auth_atom_id_2    O 
_pdbx_validate_symm_contact.auth_asym_id_2    A 
_pdbx_validate_symm_contact.auth_comp_id_2    HOH 
_pdbx_validate_symm_contact.auth_seq_id_2     88 
_pdbx_validate_symm_contact.PDB_ins_code_2    ? 
_pdbx_validate_symm_contact.label_alt_id_2    ? 
_pdbx_validate_symm_contact.site_symmetry_2   4_456 
_pdbx_validate_symm_contact.dist              0.06 
# 
_pdbx_unobs_or_zero_occ_residues.id               1 
_pdbx_unobs_or_zero_occ_residues.PDB_model_num    1 
_pdbx_unobs_or_zero_occ_residues.polymer_flag     Y 
_pdbx_unobs_or_zero_occ_residues.occupancy_flag   1 
_pdbx_unobs_or_zero_occ_residues.auth_asym_id     A 
_pdbx_unobs_or_zero_occ_residues.auth_comp_id     GLU 
_pdbx_unobs_or_zero_occ_residues.auth_seq_id      60 
_pdbx_unobs_or_zero_occ_residues.PDB_ins_code     ? 
_pdbx_unobs_or_zero_occ_residues.label_asym_id    A 
_pdbx_unobs_or_zero_occ_residues.label_comp_id    GLU 
_pdbx_unobs_or_zero_occ_residues.label_seq_id     60 
# 
loop_
_chem_comp_atom.comp_id 
_chem_comp_atom.atom_id 
_chem_comp_atom.type_symbol 
_chem_comp_atom.pdbx_aromatic_flag 
_chem_comp_atom.pdbx_stereo_config 
_chem_comp_atom.pdbx_ordinal 
ALA N    N  N N 1   
ALA CA   C  N S 2   
ALA C    C  N N 3   
ALA O    O  N N 4   
ALA CB   C  N N 5   
ALA OXT  O  N N 6   
ALA H    H  N N 7   
ALA H2   H  N N 8   
ALA HA   H  N N 9   
ALA HB1  H  N N 10  
ALA HB2  H  N N 11  
ALA HB3  H  N N 12  
ALA HXT  H  N N 13  
ARG N    N  N N 14  
ARG CA   C  N S 15  
ARG C    C  N N 16  
ARG O    O  N N 17  
ARG CB   C  N N 18  
ARG CG   C  N N 19  
ARG CD   C  N N 20  
ARG NE   N  N N 21  
ARG CZ   C  N N 22  
ARG NH1  N  N N 23  
ARG NH2  N  N N 24  
ARG OXT  O  N N 25  
ARG H    H  N N 26  
ARG H2   H  N N 27  
ARG HA   H  N N 28  
ARG HB2  H  N N 29  
ARG HB3  H  N N 30  
ARG HG2  H  N N 31  
ARG HG3  H  N N 32  
ARG HD2  H  N N 33  
ARG HD3  H  N N 34  
ARG HE   H  N N 35  
ARG HH11 H  N N 36  
ARG HH12 H  N N 37  
ARG HH21 H  N N 38  
ARG HH22 H  N N 39  
ARG HXT  H  N N 40  
ASN N    N  N N 41  
ASN CA   C  N S 42  
ASN C    C  N N 43  
ASN O    O  N N 44  
ASN CB   C  N N 45  
ASN CG   C  N N 46  
ASN OD1  O  N N 47  
ASN ND2  N  N N 48  
ASN OXT  O  N N 49  
ASN H    H  N N 50  
ASN H2   H  N N 51  
ASN HA   H  N N 52  
ASN HB2  H  N N 53  
ASN HB3  H  N N 54  
ASN HD21 H  N N 55  
ASN HD22 H  N N 56  
ASN HXT  H  N N 57  
ASP N    N  N N 58  
ASP CA   C  N S 59  
ASP C    C  N N 60  
ASP O    O  N N 61  
ASP CB   C  N N 62  
ASP CG   C  N N 63  
ASP OD1  O  N N 64  
ASP OD2  O  N N 65  
ASP OXT  O  N N 66  
ASP H    H  N N 67  
ASP H2   H  N N 68  
ASP HA   H  N N 69  
ASP HB2  H  N N 70  
ASP HB3  H  N N 71  
ASP HD2  H  N N 72  
ASP HXT  H  N N 73  
CYS N    N  N N 74  
CYS CA   C  N R 75  
CYS C    C  N N 76  
CYS O    O  N N 77  
CYS CB   C  N N 78  
CYS SG   S  N N 79  
CYS OXT  O  N N 80  
CYS H    H  N N 81  
CYS H2   H  N N 82  
CYS HA   H  N N 83  
CYS HB2  H  N N 84  
CYS HB3  H  N N 85  
CYS HG   H  N N 86  
CYS HXT  H  N N 87  
GLN N    N  N N 88  
GLN CA   C  N S 89  
GLN C    C  N N 90  
GLN O    O  N N 91  
GLN CB   C  N N 92  
GLN CG   C  N N 93  
GLN CD   C  N N 94  
GLN OE1  O  N N 95  
GLN NE2  N  N N 96  
GLN OXT  O  N N 97  
GLN H    H  N N 98  
GLN H2   H  N N 99  
GLN HA   H  N N 100 
GLN HB2  H  N N 101 
GLN HB3  H  N N 102 
GLN HG2  H  N N 103 
GLN HG3  H  N N 104 
GLN HE21 H  N N 105 
GLN HE22 H  N N 106 
GLN HXT  H  N N 107 
GLU N    N  N N 108 
GLU CA   C  N S 109 
GLU C    C  N N 110 
GLU O    O  N N 111 
GLU CB   C  N N 112 
GLU CG   C  N N 113 
GLU CD   C  N N 114 
GLU OE1  O  N N 115 
GLU OE2  O  N N 116 
GLU OXT  O  N N 117 
GLU H    H  N N 118 
GLU H2   H  N N 119 
GLU HA   H  N N 120 
GLU HB2  H  N N 121 
GLU HB3  H  N N 122 
GLU HG2  H  N N 123 
GLU HG3  H  N N 124 
GLU HE2  H  N N 125 
GLU HXT  H  N N 126 
GLY N    N  N N 127 
GLY CA   C  N N 128 
GLY C    C  N N 129 
GLY O    O  N N 130 
GLY OXT  O  N N 131 
GLY H    H  N N 132 
GLY H2   H  N N 133 
GLY HA2  H  N N 134 
GLY HA3  H  N N 135 
GLY HXT  H  N N 136 
HOH O    O  N N 137 
HOH H1   H  N N 138 
HOH H2   H  N N 139 
ILE N    N  N N 140 
ILE CA   C  N S 141 
ILE C    C  N N 142 
ILE O    O  N N 143 
ILE CB   C  N S 144 
ILE CG1  C  N N 145 
ILE CG2  C  N N 146 
ILE CD1  C  N N 147 
ILE OXT  O  N N 148 
ILE H    H  N N 149 
ILE H2   H  N N 150 
ILE HA   H  N N 151 
ILE HB   H  N N 152 
ILE HG12 H  N N 153 
ILE HG13 H  N N 154 
ILE HG21 H  N N 155 
ILE HG22 H  N N 156 
ILE HG23 H  N N 157 
ILE HD11 H  N N 158 
ILE HD12 H  N N 159 
ILE HD13 H  N N 160 
ILE HXT  H  N N 161 
LEU N    N  N N 162 
LEU CA   C  N S 163 
LEU C    C  N N 164 
LEU O    O  N N 165 
LEU CB   C  N N 166 
LEU CG   C  N N 167 
LEU CD1  C  N N 168 
LEU CD2  C  N N 169 
LEU OXT  O  N N 170 
LEU H    H  N N 171 
LEU H2   H  N N 172 
LEU HA   H  N N 173 
LEU HB2  H  N N 174 
LEU HB3  H  N N 175 
LEU HG   H  N N 176 
LEU HD11 H  N N 177 
LEU HD12 H  N N 178 
LEU HD13 H  N N 179 
LEU HD21 H  N N 180 
LEU HD22 H  N N 181 
LEU HD23 H  N N 182 
LEU HXT  H  N N 183 
LYS N    N  N N 184 
LYS CA   C  N S 185 
LYS C    C  N N 186 
LYS O    O  N N 187 
LYS CB   C  N N 188 
LYS CG   C  N N 189 
LYS CD   C  N N 190 
LYS CE   C  N N 191 
LYS NZ   N  N N 192 
LYS OXT  O  N N 193 
LYS H    H  N N 194 
LYS H2   H  N N 195 
LYS HA   H  N N 196 
LYS HB2  H  N N 197 
LYS HB3  H  N N 198 
LYS HG2  H  N N 199 
LYS HG3  H  N N 200 
LYS HD2  H  N N 201 
LYS HD3  H  N N 202 
LYS HE2  H  N N 203 
LYS HE3  H  N N 204 
LYS HZ1  H  N N 205 
LYS HZ2  H  N N 206 
LYS HZ3  H  N N 207 
LYS HXT  H  N N 208 
MET N    N  N N 209 
MET CA   C  N S 210 
MET C    C  N N 211 
MET O    O  N N 212 
MET CB   C  N N 213 
MET CG   C  N N 214 
MET SD   S  N N 215 
MET CE   C  N N 216 
MET OXT  O  N N 217 
MET H    H  N N 218 
MET H2   H  N N 219 
MET HA   H  N N 220 
MET HB2  H  N N 221 
MET HB3  H  N N 222 
MET HG2  H  N N 223 
MET HG3  H  N N 224 
MET HE1  H  N N 225 
MET HE2  H  N N 226 
MET HE3  H  N N 227 
MET HXT  H  N N 228 
PHE N    N  N N 229 
PHE CA   C  N S 230 
PHE C    C  N N 231 
PHE O    O  N N 232 
PHE CB   C  N N 233 
PHE CG   C  Y N 234 
PHE CD1  C  Y N 235 
PHE CD2  C  Y N 236 
PHE CE1  C  Y N 237 
PHE CE2  C  Y N 238 
PHE CZ   C  Y N 239 
PHE OXT  O  N N 240 
PHE H    H  N N 241 
PHE H2   H  N N 242 
PHE HA   H  N N 243 
PHE HB2  H  N N 244 
PHE HB3  H  N N 245 
PHE HD1  H  N N 246 
PHE HD2  H  N N 247 
PHE HE1  H  N N 248 
PHE HE2  H  N N 249 
PHE HZ   H  N N 250 
PHE HXT  H  N N 251 
PRO N    N  N N 252 
PRO CA   C  N S 253 
PRO C    C  N N 254 
PRO O    O  N N 255 
PRO CB   C  N N 256 
PRO CG   C  N N 257 
PRO CD   C  N N 258 
PRO OXT  O  N N 259 
PRO H    H  N N 260 
PRO HA   H  N N 261 
PRO HB2  H  N N 262 
PRO HB3  H  N N 263 
PRO HG2  H  N N 264 
PRO HG3  H  N N 265 
PRO HD2  H  N N 266 
PRO HD3  H  N N 267 
PRO HXT  H  N N 268 
SER N    N  N N 269 
SER CA   C  N S 270 
SER C    C  N N 271 
SER O    O  N N 272 
SER CB   C  N N 273 
SER OG   O  N N 274 
SER OXT  O  N N 275 
SER H    H  N N 276 
SER H2   H  N N 277 
SER HA   H  N N 278 
SER HB2  H  N N 279 
SER HB3  H  N N 280 
SER HG   H  N N 281 
SER HXT  H  N N 282 
SF4 FE1  FE N N 283 
SF4 FE2  FE N N 284 
SF4 FE3  FE N N 285 
SF4 FE4  FE N N 286 
SF4 S1   S  N N 287 
SF4 S2   S  N N 288 
SF4 S3   S  N N 289 
SF4 S4   S  N N 290 
THR N    N  N N 291 
THR CA   C  N S 292 
THR C    C  N N 293 
THR O    O  N N 294 
THR CB   C  N R 295 
THR OG1  O  N N 296 
THR CG2  C  N N 297 
THR OXT  O  N N 298 
THR H    H  N N 299 
THR H2   H  N N 300 
THR HA   H  N N 301 
THR HB   H  N N 302 
THR HG1  H  N N 303 
THR HG21 H  N N 304 
THR HG22 H  N N 305 
THR HG23 H  N N 306 
THR HXT  H  N N 307 
VAL N    N  N N 308 
VAL CA   C  N S 309 
VAL C    C  N N 310 
VAL O    O  N N 311 
VAL CB   C  N N 312 
VAL CG1  C  N N 313 
VAL CG2  C  N N 314 
VAL OXT  O  N N 315 
VAL H    H  N N 316 
VAL H2   H  N N 317 
VAL HA   H  N N 318 
VAL HB   H  N N 319 
VAL HG11 H  N N 320 
VAL HG12 H  N N 321 
VAL HG13 H  N N 322 
VAL HG21 H  N N 323 
VAL HG22 H  N N 324 
VAL HG23 H  N N 325 
VAL HXT  H  N N 326 
# 
loop_
_chem_comp_bond.comp_id 
_chem_comp_bond.atom_id_1 
_chem_comp_bond.atom_id_2 
_chem_comp_bond.value_order 
_chem_comp_bond.pdbx_aromatic_flag 
_chem_comp_bond.pdbx_stereo_config 
_chem_comp_bond.pdbx_ordinal 
ALA N   CA   sing N N 1   
ALA N   H    sing N N 2   
ALA N   H2   sing N N 3   
ALA CA  C    sing N N 4   
ALA CA  CB   sing N N 5   
ALA CA  HA   sing N N 6   
ALA C   O    doub N N 7   
ALA C   OXT  sing N N 8   
ALA CB  HB1  sing N N 9   
ALA CB  HB2  sing N N 10  
ALA CB  HB3  sing N N 11  
ALA OXT HXT  sing N N 12  
ARG N   CA   sing N N 13  
ARG N   H    sing N N 14  
ARG N   H2   sing N N 15  
ARG CA  C    sing N N 16  
ARG CA  CB   sing N N 17  
ARG CA  HA   sing N N 18  
ARG C   O    doub N N 19  
ARG C   OXT  sing N N 20  
ARG CB  CG   sing N N 21  
ARG CB  HB2  sing N N 22  
ARG CB  HB3  sing N N 23  
ARG CG  CD   sing N N 24  
ARG CG  HG2  sing N N 25  
ARG CG  HG3  sing N N 26  
ARG CD  NE   sing N N 27  
ARG CD  HD2  sing N N 28  
ARG CD  HD3  sing N N 29  
ARG NE  CZ   sing N N 30  
ARG NE  HE   sing N N 31  
ARG CZ  NH1  sing N N 32  
ARG CZ  NH2  doub N N 33  
ARG NH1 HH11 sing N N 34  
ARG NH1 HH12 sing N N 35  
ARG NH2 HH21 sing N N 36  
ARG NH2 HH22 sing N N 37  
ARG OXT HXT  sing N N 38  
ASN N   CA   sing N N 39  
ASN N   H    sing N N 40  
ASN N   H2   sing N N 41  
ASN CA  C    sing N N 42  
ASN CA  CB   sing N N 43  
ASN CA  HA   sing N N 44  
ASN C   O    doub N N 45  
ASN C   OXT  sing N N 46  
ASN CB  CG   sing N N 47  
ASN CB  HB2  sing N N 48  
ASN CB  HB3  sing N N 49  
ASN CG  OD1  doub N N 50  
ASN CG  ND2  sing N N 51  
ASN ND2 HD21 sing N N 52  
ASN ND2 HD22 sing N N 53  
ASN OXT HXT  sing N N 54  
ASP N   CA   sing N N 55  
ASP N   H    sing N N 56  
ASP N   H2   sing N N 57  
ASP CA  C    sing N N 58  
ASP CA  CB   sing N N 59  
ASP CA  HA   sing N N 60  
ASP C   O    doub N N 61  
ASP C   OXT  sing N N 62  
ASP CB  CG   sing N N 63  
ASP CB  HB2  sing N N 64  
ASP CB  HB3  sing N N 65  
ASP CG  OD1  doub N N 66  
ASP CG  OD2  sing N N 67  
ASP OD2 HD2  sing N N 68  
ASP OXT HXT  sing N N 69  
CYS N   CA   sing N N 70  
CYS N   H    sing N N 71  
CYS N   H2   sing N N 72  
CYS CA  C    sing N N 73  
CYS CA  CB   sing N N 74  
CYS CA  HA   sing N N 75  
CYS C   O    doub N N 76  
CYS C   OXT  sing N N 77  
CYS CB  SG   sing N N 78  
CYS CB  HB2  sing N N 79  
CYS CB  HB3  sing N N 80  
CYS SG  HG   sing N N 81  
CYS OXT HXT  sing N N 82  
GLN N   CA   sing N N 83  
GLN N   H    sing N N 84  
GLN N   H2   sing N N 85  
GLN CA  C    sing N N 86  
GLN CA  CB   sing N N 87  
GLN CA  HA   sing N N 88  
GLN C   O    doub N N 89  
GLN C   OXT  sing N N 90  
GLN CB  CG   sing N N 91  
GLN CB  HB2  sing N N 92  
GLN CB  HB3  sing N N 93  
GLN CG  CD   sing N N 94  
GLN CG  HG2  sing N N 95  
GLN CG  HG3  sing N N 96  
GLN CD  OE1  doub N N 97  
GLN CD  NE2  sing N N 98  
GLN NE2 HE21 sing N N 99  
GLN NE2 HE22 sing N N 100 
GLN OXT HXT  sing N N 101 
GLU N   CA   sing N N 102 
GLU N   H    sing N N 103 
GLU N   H2   sing N N 104 
GLU CA  C    sing N N 105 
GLU CA  CB   sing N N 106 
GLU CA  HA   sing N N 107 
GLU C   O    doub N N 108 
GLU C   OXT  sing N N 109 
GLU CB  CG   sing N N 110 
GLU CB  HB2  sing N N 111 
GLU CB  HB3  sing N N 112 
GLU CG  CD   sing N N 113 
GLU CG  HG2  sing N N 114 
GLU CG  HG3  sing N N 115 
GLU CD  OE1  doub N N 116 
GLU CD  OE2  sing N N 117 
GLU OE2 HE2  sing N N 118 
GLU OXT HXT  sing N N 119 
GLY N   CA   sing N N 120 
GLY N   H    sing N N 121 
GLY N   H2   sing N N 122 
GLY CA  C    sing N N 123 
GLY CA  HA2  sing N N 124 
GLY CA  HA3  sing N N 125 
GLY C   O    doub N N 126 
GLY C   OXT  sing N N 127 
GLY OXT HXT  sing N N 128 
HOH O   H1   sing N N 129 
HOH O   H2   sing N N 130 
ILE N   CA   sing N N 131 
ILE N   H    sing N N 132 
ILE N   H2   sing N N 133 
ILE CA  C    sing N N 134 
ILE CA  CB   sing N N 135 
ILE CA  HA   sing N N 136 
ILE C   O    doub N N 137 
ILE C   OXT  sing N N 138 
ILE CB  CG1  sing N N 139 
ILE CB  CG2  sing N N 140 
ILE CB  HB   sing N N 141 
ILE CG1 CD1  sing N N 142 
ILE CG1 HG12 sing N N 143 
ILE CG1 HG13 sing N N 144 
ILE CG2 HG21 sing N N 145 
ILE CG2 HG22 sing N N 146 
ILE CG2 HG23 sing N N 147 
ILE CD1 HD11 sing N N 148 
ILE CD1 HD12 sing N N 149 
ILE CD1 HD13 sing N N 150 
ILE OXT HXT  sing N N 151 
LEU N   CA   sing N N 152 
LEU N   H    sing N N 153 
LEU N   H2   sing N N 154 
LEU CA  C    sing N N 155 
LEU CA  CB   sing N N 156 
LEU CA  HA   sing N N 157 
LEU C   O    doub N N 158 
LEU C   OXT  sing N N 159 
LEU CB  CG   sing N N 160 
LEU CB  HB2  sing N N 161 
LEU CB  HB3  sing N N 162 
LEU CG  CD1  sing N N 163 
LEU CG  CD2  sing N N 164 
LEU CG  HG   sing N N 165 
LEU CD1 HD11 sing N N 166 
LEU CD1 HD12 sing N N 167 
LEU CD1 HD13 sing N N 168 
LEU CD2 HD21 sing N N 169 
LEU CD2 HD22 sing N N 170 
LEU CD2 HD23 sing N N 171 
LEU OXT HXT  sing N N 172 
LYS N   CA   sing N N 173 
LYS N   H    sing N N 174 
LYS N   H2   sing N N 175 
LYS CA  C    sing N N 176 
LYS CA  CB   sing N N 177 
LYS CA  HA   sing N N 178 
LYS C   O    doub N N 179 
LYS C   OXT  sing N N 180 
LYS CB  CG   sing N N 181 
LYS CB  HB2  sing N N 182 
LYS CB  HB3  sing N N 183 
LYS CG  CD   sing N N 184 
LYS CG  HG2  sing N N 185 
LYS CG  HG3  sing N N 186 
LYS CD  CE   sing N N 187 
LYS CD  HD2  sing N N 188 
LYS CD  HD3  sing N N 189 
LYS CE  NZ   sing N N 190 
LYS CE  HE2  sing N N 191 
LYS CE  HE3  sing N N 192 
LYS NZ  HZ1  sing N N 193 
LYS NZ  HZ2  sing N N 194 
LYS NZ  HZ3  sing N N 195 
LYS OXT HXT  sing N N 196 
MET N   CA   sing N N 197 
MET N   H    sing N N 198 
MET N   H2   sing N N 199 
MET CA  C    sing N N 200 
MET CA  CB   sing N N 201 
MET CA  HA   sing N N 202 
MET C   O    doub N N 203 
MET C   OXT  sing N N 204 
MET CB  CG   sing N N 205 
MET CB  HB2  sing N N 206 
MET CB  HB3  sing N N 207 
MET CG  SD   sing N N 208 
MET CG  HG2  sing N N 209 
MET CG  HG3  sing N N 210 
MET SD  CE   sing N N 211 
MET CE  HE1  sing N N 212 
MET CE  HE2  sing N N 213 
MET CE  HE3  sing N N 214 
MET OXT HXT  sing N N 215 
PHE N   CA   sing N N 216 
PHE N   H    sing N N 217 
PHE N   H2   sing N N 218 
PHE CA  C    sing N N 219 
PHE CA  CB   sing N N 220 
PHE CA  HA   sing N N 221 
PHE C   O    doub N N 222 
PHE C   OXT  sing N N 223 
PHE CB  CG   sing N N 224 
PHE CB  HB2  sing N N 225 
PHE CB  HB3  sing N N 226 
PHE CG  CD1  doub Y N 227 
PHE CG  CD2  sing Y N 228 
PHE CD1 CE1  sing Y N 229 
PHE CD1 HD1  sing N N 230 
PHE CD2 CE2  doub Y N 231 
PHE CD2 HD2  sing N N 232 
PHE CE1 CZ   doub Y N 233 
PHE CE1 HE1  sing N N 234 
PHE CE2 CZ   sing Y N 235 
PHE CE2 HE2  sing N N 236 
PHE CZ  HZ   sing N N 237 
PHE OXT HXT  sing N N 238 
PRO N   CA   sing N N 239 
PRO N   CD   sing N N 240 
PRO N   H    sing N N 241 
PRO CA  C    sing N N 242 
PRO CA  CB   sing N N 243 
PRO CA  HA   sing N N 244 
PRO C   O    doub N N 245 
PRO C   OXT  sing N N 246 
PRO CB  CG   sing N N 247 
PRO CB  HB2  sing N N 248 
PRO CB  HB3  sing N N 249 
PRO CG  CD   sing N N 250 
PRO CG  HG2  sing N N 251 
PRO CG  HG3  sing N N 252 
PRO CD  HD2  sing N N 253 
PRO CD  HD3  sing N N 254 
PRO OXT HXT  sing N N 255 
SER N   CA   sing N N 256 
SER N   H    sing N N 257 
SER N   H2   sing N N 258 
SER CA  C    sing N N 259 
SER CA  CB   sing N N 260 
SER CA  HA   sing N N 261 
SER C   O    doub N N 262 
SER C   OXT  sing N N 263 
SER CB  OG   sing N N 264 
SER CB  HB2  sing N N 265 
SER CB  HB3  sing N N 266 
SER OG  HG   sing N N 267 
SER OXT HXT  sing N N 268 
SF4 FE1 S2   sing N N 269 
SF4 FE1 S3   sing N N 270 
SF4 FE1 S4   sing N N 271 
SF4 FE2 S1   sing N N 272 
SF4 FE2 S3   sing N N 273 
SF4 FE2 S4   sing N N 274 
SF4 FE3 S1   sing N N 275 
SF4 FE3 S2   sing N N 276 
SF4 FE3 S4   sing N N 277 
SF4 FE4 S1   sing N N 278 
SF4 FE4 S2   sing N N 279 
SF4 FE4 S3   sing N N 280 
THR N   CA   sing N N 281 
THR N   H    sing N N 282 
THR N   H2   sing N N 283 
THR CA  C    sing N N 284 
THR CA  CB   sing N N 285 
THR CA  HA   sing N N 286 
THR C   O    doub N N 287 
THR C   OXT  sing N N 288 
THR CB  OG1  sing N N 289 
THR CB  CG2  sing N N 290 
THR CB  HB   sing N N 291 
THR OG1 HG1  sing N N 292 
THR CG2 HG21 sing N N 293 
THR CG2 HG22 sing N N 294 
THR CG2 HG23 sing N N 295 
THR OXT HXT  sing N N 296 
VAL N   CA   sing N N 297 
VAL N   H    sing N N 298 
VAL N   H2   sing N N 299 
VAL CA  C    sing N N 300 
VAL CA  CB   sing N N 301 
VAL CA  HA   sing N N 302 
VAL C   O    doub N N 303 
VAL C   OXT  sing N N 304 
VAL CB  CG1  sing N N 305 
VAL CB  CG2  sing N N 306 
VAL CB  HB   sing N N 307 
VAL CG1 HG11 sing N N 308 
VAL CG1 HG12 sing N N 309 
VAL CG1 HG13 sing N N 310 
VAL CG2 HG21 sing N N 311 
VAL CG2 HG22 sing N N 312 
VAL CG2 HG23 sing N N 313 
VAL OXT HXT  sing N N 314 
# 
_atom_sites.entry_id                    1VJW 
_atom_sites.fract_transf_matrix[1][1]   -0.00117415 
_atom_sites.fract_transf_matrix[1][2]   0.03238306 
_atom_sites.fract_transf_matrix[1][3]   -0.00943510 
_atom_sites.fract_transf_matrix[2][1]   -0.01262521 
_atom_sites.fract_transf_matrix[2][2]   0.00603126 
_atom_sites.fract_transf_matrix[2][3]   0.02227158 
_atom_sites.fract_transf_matrix[3][1]   0.01976059 
_atom_sites.fract_transf_matrix[3][2]   0.00368915 
_atom_sites.fract_transf_matrix[3][3]   0.01020275 
_atom_sites.fract_transf_vector[1]      0.056941 
_atom_sites.fract_transf_vector[2]      0.355927 
_atom_sites.fract_transf_vector[3]      0.400109 
# 
loop_
_atom_type.symbol 
C  
FE 
N  
O  
S  
# 
loop_
_atom_site.group_PDB 
_atom_site.id 
_atom_site.type_symbol 
_atom_site.label_atom_id 
_atom_site.label_alt_id 
_atom_site.label_comp_id 
_atom_site.label_asym_id 
_atom_site.label_entity_id 
_atom_site.label_seq_id 
_atom_site.pdbx_PDB_ins_code 
_atom_site.Cartn_x 
_atom_site.Cartn_y 
_atom_site.Cartn_z 
_atom_site.occupancy 
_atom_site.B_iso_or_equiv 
_atom_site.pdbx_formal_charge 
_atom_site.auth_seq_id 
_atom_site.auth_comp_id 
_atom_site.auth_asym_id 
_atom_site.auth_atom_id 
_atom_site.pdbx_PDB_model_num 
ATOM   1   N  N   . MET A 1 1  ? -0.770  5.287   12.365  1.00 24.55 ? 1   MET A N   1 
ATOM   2   C  CA  . MET A 1 1  ? 0.219   4.355   11.760  1.00 22.48 ? 1   MET A CA  1 
ATOM   3   C  C   . MET A 1 1  ? 0.960   5.049   10.627  1.00 18.84 ? 1   MET A C   1 
ATOM   4   O  O   . MET A 1 1  ? 0.377   5.847   9.895   1.00 19.70 ? 1   MET A O   1 
ATOM   5   C  CB  . MET A 1 1  ? -0.492  3.140   11.170  1.00 26.79 ? 1   MET A CB  1 
ATOM   6   C  CG  . MET A 1 1  ? -1.413  2.386   12.119  1.00 37.62 ? 1   MET A CG  1 
ATOM   7   S  SD  . MET A 1 1  ? -2.425  1.185   11.200  1.00 44.90 ? 1   MET A SD  1 
ATOM   8   C  CE  . MET A 1 1  ? -4.093  1.739   11.561  1.00 43.84 ? 1   MET A CE  1 
ATOM   9   N  N   . LYS A 1 2  ? 2.254   4.778   10.531  1.00 18.06 ? 2   LYS A N   1 
ATOM   10  C  CA  . LYS A 1 2  ? 3.104   5.313   9.472   1.00 20.83 ? 2   LYS A CA  1 
ATOM   11  C  C   . LYS A 1 2  ? 3.074   4.245   8.389   1.00 15.07 ? 2   LYS A C   1 
ATOM   12  O  O   . LYS A 1 2  ? 3.321   3.070   8.655   1.00 15.68 ? 2   LYS A O   1 
ATOM   13  C  CB  . LYS A 1 2  ? 4.544   5.523   9.972   1.00 24.55 ? 2   LYS A CB  1 
ATOM   14  C  CG  . LYS A 1 2  ? 4.778   6.878   10.657  1.00 33.53 ? 2   LYS A CG  1 
ATOM   15  C  CD  . LYS A 1 2  ? 6.050   6.908   11.527  1.00 37.43 ? 2   LYS A CD  1 
ATOM   16  C  CE  . LYS A 1 2  ? 7.330   6.620   10.737  1.00 46.03 ? 2   LYS A CE  1 
ATOM   17  N  NZ  . LYS A 1 2  ? 8.570   6.836   11.563  1.00 44.01 ? 2   LYS A NZ  1 
ATOM   18  N  N   . VAL A 1 3  ? 2.745   4.652   7.177   1.00 13.84 ? 3   VAL A N   1 
ATOM   19  C  CA  . VAL A 1 3  ? 2.652   3.729   6.069   1.00 12.41 ? 3   VAL A CA  1 
ATOM   20  C  C   . VAL A 1 3  ? 3.692   4.101   5.028   1.00 13.95 ? 3   VAL A C   1 
ATOM   21  O  O   . VAL A 1 3  ? 3.795   5.262   4.645   1.00 15.00 ? 3   VAL A O   1 
ATOM   22  C  CB  . VAL A 1 3  ? 1.256   3.805   5.446   1.00 11.42 ? 3   VAL A CB  1 
ATOM   23  C  CG1 . VAL A 1 3  ? 1.152   2.853   4.258   1.00 15.00 ? 3   VAL A CG1 1 
ATOM   24  C  CG2 . VAL A 1 3  ? 0.204   3.481   6.498   1.00 13.31 ? 3   VAL A CG2 1 
ATOM   25  N  N   . ARG A 1 4  ? 4.480   3.125   4.595   1.00 12.64 ? 4   ARG A N   1 
ATOM   26  C  CA  . ARG A 1 4  ? 5.504   3.363   3.587   1.00 12.86 ? 4   ARG A CA  1 
ATOM   27  C  C   . ARG A 1 4  ? 5.460   2.218   2.598   1.00 13.89 ? 4   ARG A C   1 
ATOM   28  O  O   . ARG A 1 4  ? 4.933   1.148   2.909   1.00 13.91 ? 4   ARG A O   1 
ATOM   29  C  CB  . ARG A 1 4  ? 6.902   3.395   4.224   1.00 12.65 ? 4   ARG A CB  1 
ATOM   30  C  CG  . ARG A 1 4  ? 7.109   4.426   5.329   1.00 13.15 ? 4   ARG A CG  1 
ATOM   31  C  CD  . ARG A 1 4  ? 7.001   5.848   4.808   1.00 11.99 ? 4   ARG A CD  1 
ATOM   32  N  NE  . ARG A 1 4  ? 7.280   6.831   5.850   1.00 14.25 ? 4   ARG A NE  1 
ATOM   33  C  CZ  . ARG A 1 4  ? 6.355   7.555   6.476   1.00 17.61 ? 4   ARG A CZ  1 
ATOM   34  N  NH1 . ARG A 1 4  ? 5.067   7.417   6.179   1.00 15.31 ? 4   ARG A NH1 1 
ATOM   35  N  NH2 . ARG A 1 4  ? 6.729   8.440   7.396   1.00 20.11 ? 4   ARG A NH2 1 
ATOM   36  N  N   . VAL A 1 5  ? 5.996   2.458   1.406   1.00 13.33 ? 5   VAL A N   1 
ATOM   37  C  CA  . VAL A 1 5  ? 6.070   1.441   0.360   1.00 13.93 ? 5   VAL A CA  1 
ATOM   38  C  C   . VAL A 1 5  ? 7.468   1.433   -0.265  1.00 14.01 ? 5   VAL A C   1 
ATOM   39  O  O   . VAL A 1 5  ? 8.048   2.491   -0.539  1.00 14.75 ? 5   VAL A O   1 
ATOM   40  C  CB  . VAL A 1 5  ? 5.049   1.679   -0.786  1.00 14.90 ? 5   VAL A CB  1 
ATOM   41  C  CG1 . VAL A 1 5  ? 5.254   0.638   -1.895  1.00 16.47 ? 5   VAL A CG1 1 
ATOM   42  C  CG2 . VAL A 1 5  ? 3.620   1.591   -0.266  1.00 23.45 ? 5   VAL A CG2 1 
ATOM   43  N  N   . ASP A 1 6  ? 8.022   0.239   -0.446  1.00 13.92 ? 6   ASP A N   1 
ATOM   44  C  CA  . ASP A 1 6  ? 9.324   0.084   -1.082  1.00 14.47 ? 6   ASP A CA  1 
ATOM   45  C  C   . ASP A 1 6  ? 9.064   -0.171  -2.562  1.00 10.38 ? 6   ASP A C   1 
ATOM   46  O  O   . ASP A 1 6  ? 8.654   -1.262  -2.952  1.00 12.77 ? 6   ASP A O   1 
ATOM   47  C  CB  . ASP A 1 6  ? 10.084  -1.087  -0.464  1.00 15.14 ? 6   ASP A CB  1 
ATOM   48  C  CG  . ASP A 1 6  ? 11.512  -1.198  -0.973  1.00 19.57 ? 6   ASP A CG  1 
ATOM   49  O  OD1 . ASP A 1 6  ? 11.788  -0.814  -2.122  1.00 19.44 ? 6   ASP A OD1 1 
ATOM   50  O  OD2 . ASP A 1 6  ? 12.374  -1.671  -0.211  1.00 26.50 ? 6   ASP A OD2 1 
ATOM   51  N  N   . ALA A 1 7  ? 9.317   0.839   -3.379  1.00 11.27 ? 7   ALA A N   1 
ATOM   52  C  CA  . ALA A 1 7  ? 9.110   0.743   -4.817  1.00 14.66 ? 7   ALA A CA  1 
ATOM   53  C  C   . ALA A 1 7  ? 9.781   -0.463  -5.463  1.00 17.92 ? 7   ALA A C   1 
ATOM   54  O  O   . ALA A 1 7  ? 9.230   -1.044  -6.383  1.00 19.88 ? 7   ALA A O   1 
ATOM   55  C  CB  . ALA A 1 7  ? 9.564   2.011   -5.494  1.00 14.69 ? 7   ALA A CB  1 
ATOM   56  N  N   . ASP A 1 8  ? 10.959  -0.857  -4.983  1.00 20.81 ? 8   ASP A N   1 
ATOM   57  C  CA  . ASP A 1 8  ? 11.671  -2.008  -5.556  1.00 21.51 ? 8   ASP A CA  1 
ATOM   58  C  C   . ASP A 1 8  ? 10.968  -3.355  -5.357  1.00 19.23 ? 8   ASP A C   1 
ATOM   59  O  O   . ASP A 1 8  ? 11.090  -4.259  -6.193  1.00 18.88 ? 8   ASP A O   1 
ATOM   60  C  CB  . ASP A 1 8  ? 13.108  -2.087  -5.028  1.00 25.74 ? 8   ASP A CB  1 
ATOM   61  C  CG  . ASP A 1 8  ? 14.011  -1.014  -5.620  1.00 33.12 ? 8   ASP A CG  1 
ATOM   62  O  OD1 . ASP A 1 8  ? 13.946  -0.779  -6.852  1.00 35.96 ? 8   ASP A OD1 1 
ATOM   63  O  OD2 . ASP A 1 8  ? 14.793  -0.410  -4.852  1.00 42.24 ? 8   ASP A OD2 1 
ATOM   64  N  N   . ALA A 1 9  ? 10.230  -3.477  -4.259  1.00 15.37 ? 9   ALA A N   1 
ATOM   65  C  CA  . ALA A 1 9  ? 9.499   -4.696  -3.954  1.00 13.52 ? 9   ALA A CA  1 
ATOM   66  C  C   . ALA A 1 9  ? 8.105   -4.669  -4.600  1.00 14.41 ? 9   ALA A C   1 
ATOM   67  O  O   . ALA A 1 9  ? 7.510   -5.716  -4.840  1.00 15.08 ? 9   ALA A O   1 
ATOM   68  C  CB  . ALA A 1 9  ? 9.380   -4.865  -2.445  1.00 9.66  ? 9   ALA A CB  1 
ATOM   69  N  N   . CYS A 1 10 ? 7.586   -3.479  -4.895  1.00 14.00 ? 10  CYS A N   1 
ATOM   70  C  CA  . CYS A 1 10 ? 6.257   -3.367  -5.492  1.00 13.62 ? 10  CYS A CA  1 
ATOM   71  C  C   . CYS A 1 10 ? 6.188   -3.888  -6.931  1.00 14.80 ? 10  CYS A C   1 
ATOM   72  O  O   . CYS A 1 10 ? 6.980   -3.485  -7.787  1.00 15.82 ? 10  CYS A O   1 
ATOM   73  C  CB  . CYS A 1 10 ? 5.765   -1.920  -5.437  1.00 14.36 ? 10  CYS A CB  1 
ATOM   74  S  SG  . CYS A 1 10 ? 4.089   -1.702  -6.112  1.00 13.63 ? 10  CYS A SG  1 
ATOM   75  N  N   . ILE A 1 11 ? 5.263   -4.805  -7.197  1.00 11.84 ? 11  ILE A N   1 
ATOM   76  C  CA  . ILE A 1 11 ? 5.119   -5.339  -8.547  1.00 14.48 ? 11  ILE A CA  1 
ATOM   77  C  C   . ILE A 1 11 ? 3.941   -4.709  -9.295  1.00 14.78 ? 11  ILE A C   1 
ATOM   78  O  O   . ILE A 1 11 ? 3.624   -5.112  -10.417 1.00 16.23 ? 11  ILE A O   1 
ATOM   79  C  CB  . ILE A 1 11 ? 4.986   -6.880  -8.562  1.00 13.54 ? 11  ILE A CB  1 
ATOM   80  C  CG1 . ILE A 1 11 ? 3.775   -7.341  -7.753  1.00 14.84 ? 11  ILE A CG1 1 
ATOM   81  C  CG2 . ILE A 1 11 ? 6.261   -7.515  -8.052  1.00 13.03 ? 11  ILE A CG2 1 
ATOM   82  C  CD1 . ILE A 1 11 ? 3.510   -8.837  -7.860  1.00 16.18 ? 11  ILE A CD1 1 
ATOM   83  N  N   . GLY A 1 12 ? 3.283   -3.745  -8.658  1.00 14.34 ? 12  GLY A N   1 
ATOM   84  C  CA  . GLY A 1 12 ? 2.152   -3.057  -9.266  1.00 12.97 ? 12  GLY A CA  1 
ATOM   85  C  C   . GLY A 1 12 ? 0.882   -3.868  -9.471  1.00 12.94 ? 12  GLY A C   1 
ATOM   86  O  O   . GLY A 1 12 ? 0.094   -3.558  -10.360 1.00 15.33 ? 12  GLY A O   1 
ATOM   87  N  N   . CYS A 1 13 ? 0.647   -4.865  -8.627  1.00 11.88 ? 13  CYS A N   1 
ATOM   88  C  CA  . CYS A 1 13 ? -0.532  -5.708  -8.772  1.00 14.02 ? 13  CYS A CA  1 
ATOM   89  C  C   . CYS A 1 13 ? -1.840  -4.964  -8.507  1.00 13.83 ? 13  CYS A C   1 
ATOM   90  O  O   . CYS A 1 13 ? -2.844  -5.221  -9.173  1.00 13.44 ? 13  CYS A O   1 
ATOM   91  C  CB  . CYS A 1 13 ? -0.416  -6.948  -7.883  1.00 15.79 ? 13  CYS A CB  1 
ATOM   92  S  SG  . CYS A 1 13 ? -0.448  -6.616  -6.092  1.00 15.43 ? 13  CYS A SG  1 
ATOM   93  N  N   . GLY A 1 14 ? -1.821  -4.058  -7.531  1.00 14.32 ? 14  GLY A N   1 
ATOM   94  C  CA  . GLY A 1 14 ? -2.994  -3.274  -7.192  1.00 11.40 ? 14  GLY A CA  1 
ATOM   95  C  C   . GLY A 1 14 ? -3.856  -3.825  -6.066  1.00 13.62 ? 14  GLY A C   1 
ATOM   96  O  O   . GLY A 1 14 ? -4.919  -3.266  -5.779  1.00 14.78 ? 14  GLY A O   1 
ATOM   97  N  N   . VAL A 1 15 ? -3.432  -4.910  -5.425  1.00 12.94 ? 15  VAL A N   1 
ATOM   98  C  CA  . VAL A 1 15 ? -4.209  -5.494  -4.324  1.00 12.25 ? 15  VAL A CA  1 
ATOM   99  C  C   . VAL A 1 15 ? -4.447  -4.499  -3.167  1.00 10.49 ? 15  VAL A C   1 
ATOM   100 O  O   . VAL A 1 15 ? -5.531  -4.479  -2.570  1.00 10.54 ? 15  VAL A O   1 
ATOM   101 C  CB  . VAL A 1 15 ? -3.529  -6.781  -3.777  1.00 17.12 ? 15  VAL A CB  1 
ATOM   102 C  CG1 . VAL A 1 15 ? -4.243  -7.286  -2.534  1.00 21.25 ? 15  VAL A CG1 1 
ATOM   103 C  CG2 . VAL A 1 15 ? -3.534  -7.862  -4.835  1.00 20.34 ? 15  VAL A CG2 1 
ATOM   104 N  N   . CYS A 1 16 ? -3.454  -3.666  -2.861  1.00 9.14  ? 16  CYS A N   1 
ATOM   105 C  CA  . CYS A 1 16 ? -3.586  -2.684  -1.783  1.00 10.50 ? 16  CYS A CA  1 
ATOM   106 C  C   . CYS A 1 16 ? -4.690  -1.649  -2.084  1.00 11.83 ? 16  CYS A C   1 
ATOM   107 O  O   . CYS A 1 16 ? -5.403  -1.201  -1.186  1.00 12.24 ? 16  CYS A O   1 
ATOM   108 C  CB  . CYS A 1 16 ? -2.245  -1.988  -1.539  1.00 8.53  ? 16  CYS A CB  1 
ATOM   109 S  SG  . CYS A 1 16 ? -1.460  -1.345  -3.049  1.00 12.90 ? 16  CYS A SG  1 
ATOM   110 N  N   . GLU A 1 17 ? -4.828  -1.276  -3.353  1.00 14.23 ? 17  GLU A N   1 
ATOM   111 C  CA  . GLU A 1 17 ? -5.851  -0.324  -3.770  1.00 14.72 ? 17  GLU A CA  1 
ATOM   112 C  C   . GLU A 1 17 ? -7.240  -0.972  -3.643  1.00 14.53 ? 17  GLU A C   1 
ATOM   113 O  O   . GLU A 1 17 ? -8.211  -0.317  -3.253  1.00 14.23 ? 17  GLU A O   1 
ATOM   114 C  CB  . GLU A 1 17 ? -5.598  0.122   -5.211  1.00 15.23 ? 17  GLU A CB  1 
ATOM   115 C  CG  . GLU A 1 17 ? -6.661  1.062   -5.746  1.00 21.88 ? 17  GLU A CG  1 
ATOM   116 C  CD  . GLU A 1 17 ? -6.474  1.358   -7.209  1.00 30.24 ? 17  GLU A CD  1 
ATOM   117 O  OE1 . GLU A 1 17 ? -5.596  2.179   -7.526  1.00 24.15 ? 17  GLU A OE1 1 
ATOM   118 O  OE2 . GLU A 1 17 ? -7.187  0.755   -8.044  1.00 35.55 ? 17  GLU A OE2 1 
ATOM   119 N  N   . ASN A 1 18 ? -7.332  -2.253  -3.993  1.00 13.46 ? 18  ASN A N   1 
ATOM   120 C  CA  . ASN A 1 18 ? -8.590  -2.996  -3.890  1.00 14.57 ? 18  ASN A CA  1 
ATOM   121 C  C   . ASN A 1 18 ? -9.062  -3.024  -2.451  1.00 14.27 ? 18  ASN A C   1 
ATOM   122 O  O   . ASN A 1 18 ? -10.245 -2.849  -2.172  1.00 15.36 ? 18  ASN A O   1 
ATOM   123 C  CB  . ASN A 1 18 ? -8.417  -4.454  -4.328  1.00 19.29 ? 18  ASN A CB  1 
ATOM   124 C  CG  . ASN A 1 18 ? -8.606  -4.651  -5.815  1.00 22.50 ? 18  ASN A CG  1 
ATOM   125 O  OD1 . ASN A 1 18 ? -9.006  -3.738  -6.535  1.00 22.63 ? 18  ASN A OD1 1 
ATOM   126 N  ND2 . ASN A 1 18 ? -8.322  -5.857  -6.281  1.00 24.15 ? 18  ASN A ND2 1 
ATOM   127 N  N   . LEU A 1 19 ? -8.127  -3.298  -1.551  1.00 12.83 ? 19  LEU A N   1 
ATOM   128 C  CA  . LEU A 1 19 ? -8.420  -3.402  -0.130  1.00 12.23 ? 19  LEU A CA  1 
ATOM   129 C  C   . LEU A 1 19 ? -8.539  -2.118  0.662   1.00 11.15 ? 19  LEU A C   1 
ATOM   130 O  O   . LEU A 1 19 ? -9.302  -2.060  1.618   1.00 14.51 ? 19  LEU A O   1 
ATOM   131 C  CB  . LEU A 1 19 ? -7.381  -4.291  0.546   1.00 10.74 ? 19  LEU A CB  1 
ATOM   132 C  CG  . LEU A 1 19 ? -7.473  -5.782  0.254   1.00 16.15 ? 19  LEU A CG  1 
ATOM   133 C  CD1 . LEU A 1 19 ? -6.280  -6.479  0.847   1.00 18.74 ? 19  LEU A CD1 1 
ATOM   134 C  CD2 . LEU A 1 19 ? -8.757  -6.333  0.862   1.00 22.11 ? 19  LEU A CD2 1 
ATOM   135 N  N   . CYS A 1 20 ? -7.797  -1.093  0.267   1.00 11.26 ? 20  CYS A N   1 
ATOM   136 C  CA  . CYS A 1 20 ? -7.770  0.148   1.029   1.00 12.70 ? 20  CYS A CA  1 
ATOM   137 C  C   . CYS A 1 20 ? -7.530  1.322   0.076   1.00 13.27 ? 20  CYS A C   1 
ATOM   138 O  O   . CYS A 1 20 ? -6.520  2.028   0.168   1.00 10.45 ? 20  CYS A O   1 
ATOM   139 C  CB  . CYS A 1 20 ? -6.630  0.014   2.050   1.00 11.41 ? 20  CYS A CB  1 
ATOM   140 S  SG  . CYS A 1 20 ? -6.635  1.073   3.530   1.00 12.69 ? 20  CYS A SG  1 
ATOM   141 N  N   . PRO A 1 21 ? -8.507  1.592   -0.803  1.00 15.68 ? 21  PRO A N   1 
ATOM   142 C  CA  . PRO A 1 21 ? -8.458  2.668   -1.801  1.00 16.11 ? 21  PRO A CA  1 
ATOM   143 C  C   . PRO A 1 21 ? -8.202  4.074   -1.275  1.00 14.89 ? 21  PRO A C   1 
ATOM   144 O  O   . PRO A 1 21 ? -7.715  4.927   -2.011  1.00 17.80 ? 21  PRO A O   1 
ATOM   145 C  CB  . PRO A 1 21 ? -9.819  2.553   -2.502  1.00 16.61 ? 21  PRO A CB  1 
ATOM   146 C  CG  . PRO A 1 21 ? -10.710 1.961   -1.449  1.00 18.06 ? 21  PRO A CG  1 
ATOM   147 C  CD  . PRO A 1 21 ? -9.820  0.919   -0.820  1.00 15.21 ? 21  PRO A CD  1 
ATOM   148 N  N   . ASP A 1 22 ? -8.531  4.336   -0.014  1.00 14.99 ? 22  ASP A N   1 
ATOM   149 C  CA  . ASP A 1 22 ? -8.293  5.671   0.526   1.00 17.18 ? 22  ASP A CA  1 
ATOM   150 C  C   . ASP A 1 22 ? -6.851  5.853   0.973   1.00 16.10 ? 22  ASP A C   1 
ATOM   151 O  O   . ASP A 1 22 ? -6.406  6.976   1.193   1.00 16.00 ? 22  ASP A O   1 
ATOM   152 C  CB  . ASP A 1 22 ? -9.239  5.992   1.692   1.00 23.45 ? 22  ASP A CB  1 
ATOM   153 C  CG  . ASP A 1 22 ? -10.705 6.022   1.278   1.00 28.72 ? 22  ASP A CG  1 
ATOM   154 O  OD1 . ASP A 1 22 ? -11.023 6.495   0.159   1.00 26.14 ? 22  ASP A OD1 1 
ATOM   155 O  OD2 . ASP A 1 22 ? -11.538 5.554   2.085   1.00 36.47 ? 22  ASP A OD2 1 
ATOM   156 N  N   . VAL A 1 23 ? -6.114  4.756   1.093   1.00 11.21 ? 23  VAL A N   1 
ATOM   157 C  CA  . VAL A 1 23 ? -4.732  4.839   1.536   1.00 13.43 ? 23  VAL A CA  1 
ATOM   158 C  C   . VAL A 1 23 ? -3.758  4.512   0.406   1.00 12.81 ? 23  VAL A C   1 
ATOM   159 O  O   . VAL A 1 23 ? -2.678  5.089   0.347   1.00 12.13 ? 23  VAL A O   1 
ATOM   160 C  CB  . VAL A 1 23 ? -4.467  3.899   2.763   1.00 12.33 ? 23  VAL A CB  1 
ATOM   161 C  CG1 . VAL A 1 23 ? -3.015  3.995   3.226   1.00 12.74 ? 23  VAL A CG1 1 
ATOM   162 C  CG2 . VAL A 1 23 ? -5.371  4.269   3.909   1.00 15.24 ? 23  VAL A CG2 1 
ATOM   163 N  N   . PHE A 1 24 ? -4.147  3.615   -0.493  1.00 12.72 ? 24  PHE A N   1 
ATOM   164 C  CA  . PHE A 1 24 ? -3.279  3.209   -1.601  1.00 12.11 ? 24  PHE A CA  1 
ATOM   165 C  C   . PHE A 1 24 ? -3.895  3.406   -2.962  1.00 15.29 ? 24  PHE A C   1 
ATOM   166 O  O   . PHE A 1 24 ? -5.094  3.186   -3.166  1.00 16.03 ? 24  PHE A O   1 
ATOM   167 C  CB  . PHE A 1 24 ? -2.912  1.731   -1.484  1.00 11.82 ? 24  PHE A CB  1 
ATOM   168 C  CG  . PHE A 1 24 ? -2.262  1.377   -0.195  1.00 13.52 ? 24  PHE A CG  1 
ATOM   169 C  CD1 . PHE A 1 24 ? -0.896  1.582   -0.012  1.00 13.36 ? 24  PHE A CD1 1 
ATOM   170 C  CD2 . PHE A 1 24 ? -3.015  0.857   0.851   1.00 9.65  ? 24  PHE A CD2 1 
ATOM   171 C  CE1 . PHE A 1 24 ? -0.288  1.274   1.204   1.00 14.01 ? 24  PHE A CE1 1 
ATOM   172 C  CE2 . PHE A 1 24 ? -2.419  0.543   2.072   1.00 13.54 ? 24  PHE A CE2 1 
ATOM   173 C  CZ  . PHE A 1 24 ? -1.055  0.751   2.250   1.00 14.05 ? 24  PHE A CZ  1 
ATOM   174 N  N   . GLN A 1 25 ? -3.051  3.769   -3.914  1.00 15.31 ? 25  GLN A N   1 
ATOM   175 C  CA  . GLN A 1 25 ? -3.498  3.955   -5.276  1.00 17.99 ? 25  GLN A CA  1 
ATOM   176 C  C   . GLN A 1 25 ? -2.408  3.445   -6.198  1.00 16.13 ? 25  GLN A C   1 
ATOM   177 O  O   . GLN A 1 25 ? -1.234  3.705   -5.966  1.00 16.69 ? 25  GLN A O   1 
ATOM   178 C  CB  . GLN A 1 25 ? -3.773  5.433   -5.544  1.00 22.19 ? 25  GLN A CB  1 
ATOM   179 C  CG  . GLN A 1 25 ? -4.245  5.729   -6.949  1.00 39.19 ? 25  GLN A CG  1 
ATOM   180 C  CD  . GLN A 1 25 ? -4.691  7.169   -7.120  1.00 46.27 ? 25  GLN A CD  1 
ATOM   181 O  OE1 . GLN A 1 25 ? -4.205  7.886   -8.000  1.00 53.82 ? 25  GLN A OE1 1 
ATOM   182 N  NE2 . GLN A 1 25 ? -5.622  7.601   -6.277  1.00 50.72 ? 25  GLN A NE2 1 
ATOM   183 N  N   . LEU A 1 26 ? -2.794  2.654   -7.192  1.00 13.98 ? 26  LEU A N   1 
ATOM   184 C  CA  . LEU A 1 26 ? -1.854  2.135   -8.160  1.00 16.10 ? 26  LEU A CA  1 
ATOM   185 C  C   . LEU A 1 26 ? -1.660  3.259   -9.181  1.00 22.40 ? 26  LEU A C   1 
ATOM   186 O  O   . LEU A 1 26 ? -2.590  3.621   -9.900  1.00 24.01 ? 26  LEU A O   1 
ATOM   187 C  CB  . LEU A 1 26 ? -2.417  0.877   -8.824  1.00 15.89 ? 26  LEU A CB  1 
ATOM   188 C  CG  . LEU A 1 26 ? -1.485  0.088   -9.746  1.00 20.42 ? 26  LEU A CG  1 
ATOM   189 C  CD1 . LEU A 1 26 ? -0.289  -0.402  -8.954  1.00 22.86 ? 26  LEU A CD1 1 
ATOM   190 C  CD2 . LEU A 1 26 ? -2.217  -1.092  -10.359 1.00 19.89 ? 26  LEU A CD2 1 
ATOM   191 N  N   . GLY A 1 27 ? -0.474  3.863   -9.183  1.00 26.29 ? 27  GLY A N   1 
ATOM   192 C  CA  . GLY A 1 27 ? -0.184  4.944   -10.111 1.00 30.67 ? 27  GLY A CA  1 
ATOM   193 C  C   . GLY A 1 27 ? -0.026  4.504   -11.564 1.00 32.92 ? 27  GLY A C   1 
ATOM   194 O  O   . GLY A 1 27 ? 0.026   3.305   -11.867 1.00 32.87 ? 27  GLY A O   1 
ATOM   195 N  N   . ASP A 1 28 ? 0.101   5.478   -12.464 1.00 35.60 ? 28  ASP A N   1 
ATOM   196 C  CA  . ASP A 1 28 ? 0.251   5.194   -13.896 1.00 38.99 ? 28  ASP A CA  1 
ATOM   197 C  C   . ASP A 1 28 ? 1.556   4.485   -14.245 1.00 34.89 ? 28  ASP A C   1 
ATOM   198 O  O   . ASP A 1 28 ? 1.634   3.750   -15.237 1.00 34.52 ? 28  ASP A O   1 
ATOM   199 C  CB  . ASP A 1 28 ? 0.118   6.479   -14.728 1.00 46.87 ? 28  ASP A CB  1 
ATOM   200 C  CG  . ASP A 1 28 ? -1.319  6.984   -14.813 1.00 53.68 ? 28  ASP A CG  1 
ATOM   201 O  OD1 . ASP A 1 28 ? -2.234  6.167   -15.088 1.00 56.76 ? 28  ASP A OD1 1 
ATOM   202 O  OD2 . ASP A 1 28 ? -1.527  8.205   -14.618 1.00 55.09 ? 28  ASP A OD2 1 
ATOM   203 N  N   . ASP A 1 29 ? 2.579   4.711   -13.425 1.00 29.01 ? 29  ASP A N   1 
ATOM   204 C  CA  . ASP A 1 29 ? 3.877   4.088   -13.636 1.00 24.96 ? 29  ASP A CA  1 
ATOM   205 C  C   . ASP A 1 29 ? 3.911   2.622   -13.185 1.00 24.84 ? 29  ASP A C   1 
ATOM   206 O  O   . ASP A 1 29 ? 4.970   1.992   -13.186 1.00 26.91 ? 29  ASP A O   1 
ATOM   207 C  CB  . ASP A 1 29 ? 4.971   4.895   -12.924 1.00 27.62 ? 29  ASP A CB  1 
ATOM   208 C  CG  . ASP A 1 29 ? 4.700   5.076   -11.438 1.00 27.80 ? 29  ASP A CG  1 
ATOM   209 O  OD1 . ASP A 1 29 ? 3.659   4.603   -10.941 1.00 30.69 ? 29  ASP A OD1 1 
ATOM   210 O  OD2 . ASP A 1 29 ? 5.530   5.710   -10.762 1.00 33.90 ? 29  ASP A OD2 1 
ATOM   211 N  N   . GLY A 1 30 ? 2.762   2.096   -12.770 1.00 22.27 ? 30  GLY A N   1 
ATOM   212 C  CA  . GLY A 1 30 ? 2.700   0.717   -12.331 1.00 19.63 ? 30  GLY A CA  1 
ATOM   213 C  C   . GLY A 1 30 ? 3.278   0.481   -10.945 1.00 22.47 ? 30  GLY A C   1 
ATOM   214 O  O   . GLY A 1 30 ? 3.826   -0.587  -10.677 1.00 23.15 ? 30  GLY A O   1 
ATOM   215 N  N   . LYS A 1 31 ? 3.193   1.481   -10.074 1.00 19.70 ? 31  LYS A N   1 
ATOM   216 C  CA  . LYS A 1 31 ? 3.699   1.357   -8.704  1.00 18.41 ? 31  LYS A CA  1 
ATOM   217 C  C   . LYS A 1 31 ? 2.643   1.900   -7.743  1.00 17.02 ? 31  LYS A C   1 
ATOM   218 O  O   . LYS A 1 31 ? 1.841   2.768   -8.112  1.00 18.74 ? 31  LYS A O   1 
ATOM   219 C  CB  . LYS A 1 31 ? 4.986   2.169   -8.518  1.00 18.60 ? 31  LYS A CB  1 
ATOM   220 C  CG  . LYS A 1 31 ? 6.183   1.685   -9.303  1.00 21.59 ? 31  LYS A CG  1 
ATOM   221 C  CD  . LYS A 1 31 ? 6.745   0.388   -8.751  1.00 22.14 ? 31  LYS A CD  1 
ATOM   222 C  CE  . LYS A 1 31 ? 8.104   0.105   -9.389  1.00 28.92 ? 31  LYS A CE  1 
ATOM   223 N  NZ  . LYS A 1 31 ? 8.672   -1.239  -9.073  1.00 28.99 ? 31  LYS A NZ  1 
ATOM   224 N  N   . ALA A 1 32 ? 2.625   1.382   -6.523  1.00 11.81 ? 32  ALA A N   1 
ATOM   225 C  CA  . ALA A 1 32 ? 1.674   1.855   -5.544  1.00 12.55 ? 32  ALA A CA  1 
ATOM   226 C  C   . ALA A 1 32 ? 2.107   3.221   -5.008  1.00 13.13 ? 32  ALA A C   1 
ATOM   227 O  O   . ALA A 1 32 ? 3.292   3.543   -4.943  1.00 14.45 ? 32  ALA A O   1 
ATOM   228 C  CB  . ALA A 1 32 ? 1.535   0.856   -4.408  1.00 14.95 ? 32  ALA A CB  1 
ATOM   229 N  N   . LYS A 1 33 ? 1.122   4.027   -4.650  1.00 14.07 ? 33  LYS A N   1 
ATOM   230 C  CA  . LYS A 1 33 ? 1.336   5.355   -4.106  1.00 15.33 ? 33  LYS A CA  1 
ATOM   231 C  C   . LYS A 1 33 ? 0.603   5.368   -2.766  1.00 15.44 ? 33  LYS A C   1 
ATOM   232 O  O   . LYS A 1 33 ? -0.491  4.810   -2.661  1.00 14.57 ? 33  LYS A O   1 
ATOM   233 C  CB  . LYS A 1 33 ? 0.723   6.379   -5.063  1.00 16.41 ? 33  LYS A CB  1 
ATOM   234 C  CG  . LYS A 1 33 ? 0.818   7.803   -4.618  1.00 25.12 ? 33  LYS A CG  1 
ATOM   235 C  CD  . LYS A 1 33 ? 0.538   8.748   -5.784  1.00 22.91 ? 33  LYS A CD  1 
ATOM   236 C  CE  . LYS A 1 33 ? -0.812  8.493   -6.420  1.00 22.38 ? 33  LYS A CE  1 
ATOM   237 N  NZ  . LYS A 1 33 ? -1.123  9.489   -7.490  1.00 28.18 ? 33  LYS A NZ  1 
ATOM   238 N  N   . VAL A 1 34 ? 1.218   5.956   -1.746  1.00 13.65 ? 34  VAL A N   1 
ATOM   239 C  CA  . VAL A 1 34 ? 0.616   6.042   -0.416  1.00 12.96 ? 34  VAL A CA  1 
ATOM   240 C  C   . VAL A 1 34 ? -0.045  7.412   -0.265  1.00 14.20 ? 34  VAL A C   1 
ATOM   241 O  O   . VAL A 1 34 ? 0.632   8.424   -0.060  1.00 12.96 ? 34  VAL A O   1 
ATOM   242 C  CB  . VAL A 1 34 ? 1.679   5.865   0.692   1.00 12.95 ? 34  VAL A CB  1 
ATOM   243 C  CG1 . VAL A 1 34 ? 1.033   5.942   2.065   1.00 15.53 ? 34  VAL A CG1 1 
ATOM   244 C  CG2 . VAL A 1 34 ? 2.401   4.550   0.522   1.00 12.19 ? 34  VAL A CG2 1 
ATOM   245 N  N   . LEU A 1 35 ? -1.371  7.425   -0.360  1.00 13.55 ? 35  LEU A N   1 
ATOM   246 C  CA  . LEU A 1 35 ? -2.174  8.646   -0.264  1.00 15.45 ? 35  LEU A CA  1 
ATOM   247 C  C   . LEU A 1 35 ? -2.261  9.203   1.156   1.00 16.16 ? 35  LEU A C   1 
ATOM   248 O  O   . LEU A 1 35 ? -2.421  10.412  1.342   1.00 18.74 ? 35  LEU A O   1 
ATOM   249 C  CB  . LEU A 1 35 ? -3.579  8.397   -0.818  1.00 16.72 ? 35  LEU A CB  1 
ATOM   250 C  CG  . LEU A 1 35 ? -3.652  7.976   -2.284  1.00 20.72 ? 35  LEU A CG  1 
ATOM   251 C  CD1 . LEU A 1 35 ? -5.061  7.515   -2.660  1.00 23.48 ? 35  LEU A CD1 1 
ATOM   252 C  CD2 . LEU A 1 35 ? -3.207  9.132   -3.145  1.00 23.37 ? 35  LEU A CD2 1 
ATOM   253 N  N   . GLN A 1 36 ? -2.163  8.323   2.150   1.00 14.08 ? 36  GLN A N   1 
ATOM   254 C  CA  . GLN A 1 36 ? -2.214  8.713   3.556   1.00 15.18 ? 36  GLN A CA  1 
ATOM   255 C  C   . GLN A 1 36 ? -1.008  8.107   4.274   1.00 17.32 ? 36  GLN A C   1 
ATOM   256 O  O   . GLN A 1 36 ? -1.098  7.027   4.860   1.00 17.21 ? 36  GLN A O   1 
ATOM   257 C  CB  . GLN A 1 36 ? -3.505  8.200   4.203   1.00 19.31 ? 36  GLN A CB  1 
ATOM   258 C  CG  . GLN A 1 36 ? -4.784  8.667   3.528   1.00 21.48 ? 36  GLN A CG  1 
ATOM   259 C  CD  . GLN A 1 36 ? -6.026  8.384   4.365   1.00 28.68 ? 36  GLN A CD  1 
ATOM   260 O  OE1 . GLN A 1 36 ? -5.939  7.981   5.528   1.00 32.16 ? 36  GLN A OE1 1 
ATOM   261 N  NE2 . GLN A 1 36 ? -7.189  8.604   3.776   1.00 29.20 ? 36  GLN A NE2 1 
ATOM   262 N  N   . PRO A 1 37 ? 0.147   8.791   4.226   1.00 16.40 ? 37  PRO A N   1 
ATOM   263 C  CA  . PRO A 1 37 ? 1.391   8.333   4.859   1.00 16.73 ? 37  PRO A CA  1 
ATOM   264 C  C   . PRO A 1 37 ? 1.251   8.071   6.356   1.00 14.81 ? 37  PRO A C   1 
ATOM   265 O  O   . PRO A 1 37 ? 2.017   7.306   6.944   1.00 17.31 ? 37  PRO A O   1 
ATOM   266 C  CB  . PRO A 1 37 ? 2.362   9.475   4.562   1.00 19.19 ? 37  PRO A CB  1 
ATOM   267 C  CG  . PRO A 1 37 ? 1.850   9.999   3.231   1.00 17.79 ? 37  PRO A CG  1 
ATOM   268 C  CD  . PRO A 1 37 ? 0.364   10.044  3.483   1.00 17.70 ? 37  PRO A CD  1 
ATOM   269 N  N   . GLU A 1 38 ? 0.283   8.736   6.967   1.00 15.76 ? 38  GLU A N   1 
ATOM   270 C  CA  . GLU A 1 38 ? -0.012  8.564   8.380   1.00 21.18 ? 38  GLU A CA  1 
ATOM   271 C  C   . GLU A 1 38 ? -1.522  8.366   8.373   1.00 21.95 ? 38  GLU A C   1 
ATOM   272 O  O   . GLU A 1 38 ? -2.264  9.238   7.913   1.00 23.23 ? 38  GLU A O   1 
ATOM   273 C  CB  . GLU A 1 38 ? 0.372   9.817   9.175   1.00 25.21 ? 38  GLU A CB  1 
ATOM   274 C  CG  . GLU A 1 38 ? -0.027  9.796   10.658  1.00 39.75 ? 38  GLU A CG  1 
ATOM   275 C  CD  . GLU A 1 38 ? 0.716   8.751   11.469  1.00 48.99 ? 38  GLU A CD  1 
ATOM   276 O  OE1 . GLU A 1 38 ? 1.957   8.660   11.339  1.00 54.48 ? 38  GLU A OE1 1 
ATOM   277 O  OE2 . GLU A 1 38 ? 0.060   8.025   12.251  1.00 52.83 ? 38  GLU A OE2 1 
ATOM   278 N  N   . THR A 1 39 ? -1.979  7.206   8.820   1.00 20.99 ? 39  THR A N   1 
ATOM   279 C  CA  . THR A 1 39 ? -3.409  6.932   8.806   1.00 20.26 ? 39  THR A CA  1 
ATOM   280 C  C   . THR A 1 39 ? -3.813  6.090   10.001  1.00 22.08 ? 39  THR A C   1 
ATOM   281 O  O   . THR A 1 39 ? -2.960  5.512   10.680  1.00 23.10 ? 39  THR A O   1 
ATOM   282 C  CB  . THR A 1 39 ? -3.810  6.194   7.495   1.00 19.34 ? 39  THR A CB  1 
ATOM   283 O  OG1 . THR A 1 39 ? -5.240  6.080   7.407   1.00 19.61 ? 39  THR A OG1 1 
ATOM   284 C  CG2 . THR A 1 39 ? -3.184  4.803   7.451   1.00 19.36 ? 39  THR A CG2 1 
ATOM   285 N  N   . ASP A 1 40 ? -5.115  6.065   10.278  1.00 22.04 ? 40  ASP A N   1 
ATOM   286 C  CA  . ASP A 1 40 ? -5.662  5.271   11.374  1.00 23.93 ? 40  ASP A CA  1 
ATOM   287 C  C   . ASP A 1 40 ? -6.556  4.166   10.812  1.00 22.32 ? 40  ASP A C   1 
ATOM   288 O  O   . ASP A 1 40 ? -7.115  3.365   11.568  1.00 22.35 ? 40  ASP A O   1 
ATOM   289 C  CB  . ASP A 1 40 ? -6.466  6.153   12.346  1.00 29.04 ? 40  ASP A CB  1 
ATOM   290 C  CG  . ASP A 1 40 ? -7.589  6.923   11.655  1.00 29.04 ? 40  ASP A CG  1 
ATOM   291 O  OD1 . ASP A 1 40 ? -8.699  6.367   11.517  0.00 29.09 ? 40  ASP A OD1 1 
ATOM   292 O  OD2 . ASP A 1 40 ? -7.356  8.081   11.252  0.00 29.39 ? 40  ASP A OD2 1 
ATOM   293 N  N   . LEU A 1 41 ? -6.678  4.115   9.486   1.00 19.99 ? 41  LEU A N   1 
ATOM   294 C  CA  . LEU A 1 41 ? -7.519  3.114   8.844   1.00 17.00 ? 41  LEU A CA  1 
ATOM   295 C  C   . LEU A 1 41 ? -7.006  1.694   9.002   1.00 15.49 ? 41  LEU A C   1 
ATOM   296 O  O   . LEU A 1 41 ? -5.895  1.374   8.584   1.00 14.45 ? 41  LEU A O   1 
ATOM   297 C  CB  . LEU A 1 41 ? -7.708  3.436   7.363   1.00 17.11 ? 41  LEU A CB  1 
ATOM   298 C  CG  . LEU A 1 41 ? -8.547  4.666   7.050   1.00 17.98 ? 41  LEU A CG  1 
ATOM   299 C  CD1 . LEU A 1 41 ? -8.772  4.785   5.554   1.00 19.73 ? 41  LEU A CD1 1 
ATOM   300 C  CD2 . LEU A 1 41 ? -9.870  4.534   7.766   1.00 23.87 ? 41  LEU A CD2 1 
ATOM   301 N  N   . PRO A 1 42 ? -7.809  0.825   9.634   1.00 14.91 ? 42  PRO A N   1 
ATOM   302 C  CA  . PRO A 1 42 ? -7.439  -0.578  9.843   1.00 15.46 ? 42  PRO A CA  1 
ATOM   303 C  C   . PRO A 1 42 ? -7.081  -1.276  8.525   1.00 16.51 ? 42  PRO A C   1 
ATOM   304 O  O   . PRO A 1 42 ? -6.245  -2.185  8.522   1.00 15.20 ? 42  PRO A O   1 
ATOM   305 C  CB  . PRO A 1 42 ? -8.705  -1.174  10.459  1.00 17.20 ? 42  PRO A CB  1 
ATOM   306 C  CG  . PRO A 1 42 ? -9.252  -0.035  11.252  1.00 15.05 ? 42  PRO A CG  1 
ATOM   307 C  CD  . PRO A 1 42 ? -9.075  1.145   10.324  1.00 14.55 ? 42  PRO A CD  1 
ATOM   308 N  N   . CYS A 1 43 ? -7.685  -0.854  7.407   1.00 12.91 ? 43  CYS A N   1 
ATOM   309 C  CA  . CYS A 1 43 ? -7.371  -1.483  6.129   1.00 10.55 ? 43  CYS A CA  1 
ATOM   310 C  C   . CYS A 1 43 ? -5.909  -1.326  5.690   1.00 12.47 ? 43  CYS A C   1 
ATOM   311 O  O   . CYS A 1 43 ? -5.447  -2.099  4.855   1.00 13.35 ? 43  CYS A O   1 
ATOM   312 C  CB  . CYS A 1 43 ? -8.325  -1.062  4.998   1.00 10.90 ? 43  CYS A CB  1 
ATOM   313 S  SG  . CYS A 1 43 ? -8.390  0.692   4.486   1.00 13.43 ? 43  CYS A SG  1 
ATOM   314 N  N   . ALA A 1 44 ? -5.172  -0.365  6.256   1.00 11.41 ? 44  ALA A N   1 
ATOM   315 C  CA  . ALA A 1 44 ? -3.759  -0.185  5.896   1.00 12.90 ? 44  ALA A CA  1 
ATOM   316 C  C   . ALA A 1 44 ? -2.968  -1.444  6.288   1.00 13.82 ? 44  ALA A C   1 
ATOM   317 O  O   . ALA A 1 44 ? -2.103  -1.906  5.544   1.00 12.18 ? 44  ALA A O   1 
ATOM   318 C  CB  . ALA A 1 44 ? -3.177  1.048   6.579   1.00 11.89 ? 44  ALA A CB  1 
ATOM   319 N  N   . LYS A 1 45 ? -3.304  -2.011  7.447   1.00 14.19 ? 45  LYS A N   1 
ATOM   320 C  CA  . LYS A 1 45 ? -2.665  -3.225  7.955   1.00 15.52 ? 45  LYS A CA  1 
ATOM   321 C  C   . LYS A 1 45 ? -3.044  -4.412  7.089   1.00 15.70 ? 45  LYS A C   1 
ATOM   322 O  O   . LYS A 1 45 ? -2.211  -5.256  6.771   1.00 16.44 ? 45  LYS A O   1 
ATOM   323 C  CB  . LYS A 1 45 ? -3.112  -3.515  9.391   1.00 19.46 ? 45  LYS A CB  1 
ATOM   324 C  CG  . LYS A 1 45 ? -2.636  -2.515  10.424  1.00 23.08 ? 45  LYS A CG  1 
ATOM   325 C  CD  . LYS A 1 45 ? -3.109  -2.901  11.817  0.00 22.33 ? 45  LYS A CD  1 
ATOM   326 C  CE  . LYS A 1 45 ? -2.609  -1.921  12.864  0.00 22.67 ? 45  LYS A CE  1 
ATOM   327 N  NZ  . LYS A 1 45 ? -3.057  -2.298  14.234  0.00 22.56 ? 45  LYS A NZ  1 
ATOM   328 N  N   . ASP A 1 46 ? -4.321  -4.499  6.746   1.00 16.51 ? 46  ASP A N   1 
ATOM   329 C  CA  . ASP A 1 46 ? -4.813  -5.576  5.896   1.00 20.57 ? 46  ASP A CA  1 
ATOM   330 C  C   . ASP A 1 46 ? -4.116  -5.572  4.523   1.00 15.84 ? 46  ASP A C   1 
ATOM   331 O  O   . ASP A 1 46 ? -3.726  -6.616  4.006   1.00 15.62 ? 46  ASP A O   1 
ATOM   332 C  CB  . ASP A 1 46 ? -6.335  -5.458  5.714   1.00 23.92 ? 46  ASP A CB  1 
ATOM   333 C  CG  . ASP A 1 46 ? -7.111  -5.819  6.965   1.00 23.35 ? 46  ASP A CG  1 
ATOM   334 O  OD1 . ASP A 1 46 ? -6.498  -6.211  7.978   1.00 26.42 ? 46  ASP A OD1 1 
ATOM   335 O  OD2 . ASP A 1 46 ? -8.353  -5.721  6.924   1.00 31.12 ? 46  ASP A OD2 1 
ATOM   336 N  N   . ALA A 1 47 ? -3.973  -4.393  3.933   1.00 12.50 ? 47  ALA A N   1 
ATOM   337 C  CA  . ALA A 1 47 ? -3.316  -4.272  2.641   1.00 14.14 ? 47  ALA A CA  1 
ATOM   338 C  C   . ALA A 1 47 ? -1.867  -4.723  2.758   1.00 12.12 ? 47  ALA A C   1 
ATOM   339 O  O   . ALA A 1 47 ? -1.354  -5.393  1.868   1.00 15.53 ? 47  ALA A O   1 
ATOM   340 C  CB  . ALA A 1 47 ? -3.388  -2.826  2.145   1.00 12.21 ? 47  ALA A CB  1 
ATOM   341 N  N   . ALA A 1 48 ? -1.211  -4.345  3.852   1.00 12.09 ? 48  ALA A N   1 
ATOM   342 C  CA  . ALA A 1 48 ? 0.178   -4.728  4.084   1.00 14.36 ? 48  ALA A CA  1 
ATOM   343 C  C   . ALA A 1 48 ? 0.305   -6.246  4.161   1.00 14.90 ? 48  ALA A C   1 
ATOM   344 O  O   . ALA A 1 48 ? 1.196   -6.838  3.540   1.00 16.50 ? 48  ALA A O   1 
ATOM   345 C  CB  . ALA A 1 48 ? 0.690   -4.098  5.373   1.00 17.02 ? 48  ALA A CB  1 
ATOM   346 N  N   . ASP A 1 49 ? -0.598  -6.876  4.913   1.00 14.58 ? 49  ASP A N   1 
ATOM   347 C  CA  . ASP A 1 49 ? -0.588  -8.330  5.067   1.00 15.60 ? 49  ASP A CA  1 
ATOM   348 C  C   . ASP A 1 49 ? -0.917  -9.065  3.766   1.00 16.12 ? 49  ASP A C   1 
ATOM   349 O  O   . ASP A 1 49 ? -0.537  -10.227 3.584   1.00 20.15 ? 49  ASP A O   1 
ATOM   350 C  CB  . ASP A 1 49 ? -1.549  -8.774  6.182   1.00 17.87 ? 49  ASP A CB  1 
ATOM   351 C  CG  . ASP A 1 49 ? -1.102  -8.321  7.583   1.00 23.49 ? 49  ASP A CG  1 
ATOM   352 O  OD1 . ASP A 1 49 ? 0.099   -8.029  7.797   1.00 26.93 ? 49  ASP A OD1 1 
ATOM   353 O  OD2 . ASP A 1 49 ? -1.971  -8.260  8.480   1.00 29.23 ? 49  ASP A OD2 1 
ATOM   354 N  N   . SER A 1 50 ? -1.608  -8.390  2.855   1.00 13.41 ? 50  SER A N   1 
ATOM   355 C  CA  . SER A 1 50 ? -1.981  -8.996  1.590   1.00 14.30 ? 50  SER A CA  1 
ATOM   356 C  C   . SER A 1 50 ? -1.014  -8.721  0.456   1.00 15.41 ? 50  SER A C   1 
ATOM   357 O  O   . SER A 1 50 ? -1.145  -9.324  -0.609  1.00 16.51 ? 50  SER A O   1 
ATOM   358 C  CB  . SER A 1 50 ? -3.388  -8.549  1.181   1.00 19.43 ? 50  SER A CB  1 
ATOM   359 O  OG  . SER A 1 50 ? -4.346  -8.961  2.144   1.00 24.58 ? 50  SER A OG  1 
ATOM   360 N  N   . CYS A 1 51 ? -0.078  -7.796  0.652   1.00 11.82 ? 51  CYS A N   1 
ATOM   361 C  CA  . CYS A 1 51 ? 0.881   -7.480  -0.396  1.00 13.50 ? 51  CYS A CA  1 
ATOM   362 C  C   . CYS A 1 51 ? 1.725   -8.728  -0.629  1.00 12.29 ? 51  CYS A C   1 
ATOM   363 O  O   . CYS A 1 51 ? 2.336   -9.250  0.310   1.00 17.75 ? 51  CYS A O   1 
ATOM   364 C  CB  . CYS A 1 51 ? 1.759   -6.306  0.021   1.00 13.54 ? 51  CYS A CB  1 
ATOM   365 S  SG  . CYS A 1 51 ? 3.021   -5.926  -1.219  1.00 13.22 ? 51  CYS A SG  1 
ATOM   366 N  N   . PRO A 1 52 ? 1.777   -9.214  -1.881  1.00 12.55 ? 52  PRO A N   1 
ATOM   367 C  CA  . PRO A 1 52 ? 2.523   -10.416 -2.270  1.00 12.75 ? 52  PRO A CA  1 
ATOM   368 C  C   . PRO A 1 52 ? 4.048   -10.370 -2.174  1.00 13.42 ? 52  PRO A C   1 
ATOM   369 O  O   . PRO A 1 52 ? 4.702   -11.421 -2.192  1.00 11.71 ? 52  PRO A O   1 
ATOM   370 C  CB  . PRO A 1 52 ? 2.048   -10.652 -3.696  1.00 14.91 ? 52  PRO A CB  1 
ATOM   371 C  CG  . PRO A 1 52 ? 1.848   -9.263  -4.206  1.00 16.07 ? 52  PRO A CG  1 
ATOM   372 C  CD  . PRO A 1 52 ? 1.148   -8.589  -3.062  1.00 12.94 ? 52  PRO A CD  1 
ATOM   373 N  N   . THR A 1 53 ? 4.615   -9.172  -2.044  1.00 12.77 ? 53  THR A N   1 
ATOM   374 C  CA  . THR A 1 53 ? 6.069   -9.032  -1.963  1.00 13.45 ? 53  THR A CA  1 
ATOM   375 C  C   . THR A 1 53 ? 6.524   -8.337  -0.670  1.00 11.63 ? 53  THR A C   1 
ATOM   376 O  O   . THR A 1 53 ? 7.715   -8.076  -0.486  1.00 13.27 ? 53  THR A O   1 
ATOM   377 C  CB  . THR A 1 53 ? 6.609   -8.249  -3.197  1.00 12.23 ? 53  THR A CB  1 
ATOM   378 O  OG1 . THR A 1 53 ? 5.891   -7.019  -3.328  1.00 14.38 ? 53  THR A OG1 1 
ATOM   379 C  CG2 . THR A 1 53 ? 6.428   -9.060  -4.488  1.00 11.34 ? 53  THR A CG2 1 
ATOM   380 N  N   . GLY A 1 54 ? 5.572   -8.010  0.202   1.00 12.03 ? 54  GLY A N   1 
ATOM   381 C  CA  . GLY A 1 54 ? 5.890   -7.342  1.458   1.00 11.20 ? 54  GLY A CA  1 
ATOM   382 C  C   . GLY A 1 54 ? 6.448   -5.936  1.270   1.00 12.60 ? 54  GLY A C   1 
ATOM   383 O  O   . GLY A 1 54 ? 7.181   -5.430  2.119   1.00 13.76 ? 54  GLY A O   1 
ATOM   384 N  N   . ALA A 1 55 ? 6.068   -5.286  0.175   1.00 12.26 ? 55  ALA A N   1 
ATOM   385 C  CA  . ALA A 1 55 ? 6.556   -3.949  -0.146  1.00 12.48 ? 55  ALA A CA  1 
ATOM   386 C  C   . ALA A 1 55 ? 6.028   -2.868  0.776   1.00 12.18 ? 55  ALA A C   1 
ATOM   387 O  O   . ALA A 1 55 ? 6.626   -1.802  0.875   1.00 13.93 ? 55  ALA A O   1 
ATOM   388 C  CB  . ALA A 1 55 ? 6.208   -3.601  -1.587  1.00 8.63  ? 55  ALA A CB  1 
ATOM   389 N  N   . ILE A 1 56 ? 4.875   -3.121  1.389   1.00 12.84 ? 56  ILE A N   1 
ATOM   390 C  CA  . ILE A 1 56 ? 4.248   -2.168  2.296   1.00 12.28 ? 56  ILE A CA  1 
ATOM   391 C  C   . ILE A 1 56 ? 4.631   -2.447  3.749   1.00 14.50 ? 56  ILE A C   1 
ATOM   392 O  O   . ILE A 1 56 ? 4.627   -3.596  4.200   1.00 12.85 ? 56  ILE A O   1 
ATOM   393 C  CB  . ILE A 1 56 ? 2.697   -2.234  2.203   1.00 12.93 ? 56  ILE A CB  1 
ATOM   394 C  CG1 . ILE A 1 56 ? 2.222   -1.982  0.766   1.00 12.36 ? 56  ILE A CG1 1 
ATOM   395 C  CG2 . ILE A 1 56 ? 2.064   -1.230  3.165   1.00 11.10 ? 56  ILE A CG2 1 
ATOM   396 C  CD1 . ILE A 1 56 ? 0.750   -2.324  0.535   1.00 12.78 ? 56  ILE A CD1 1 
ATOM   397 N  N   . SER A 1 57 ? 4.964   -1.394  4.479   1.00 13.22 ? 57  SER A N   1 
ATOM   398 C  CA  . SER A 1 57 ? 5.283   -1.531  5.889   1.00 17.32 ? 57  SER A CA  1 
ATOM   399 C  C   . SER A 1 57 ? 4.406   -0.536  6.643   1.00 19.01 ? 57  SER A C   1 
ATOM   400 O  O   . SER A 1 57 ? 4.256   0.621   6.228   1.00 18.14 ? 57  SER A O   1 
ATOM   401 C  CB  . SER A 1 57 ? 6.767   -1.268  6.150   1.00 16.54 ? 57  SER A CB  1 
ATOM   402 O  OG  . SER A 1 57 ? 7.154   -0.010  5.636   1.00 25.99 ? 57  SER A OG  1 
ATOM   403 N  N   . VAL A 1 58 ? 3.756   -1.012  7.697   1.00 20.84 ? 58  VAL A N   1 
ATOM   404 C  CA  . VAL A 1 58 ? 2.894   -0.166  8.508   1.00 23.36 ? 58  VAL A CA  1 
ATOM   405 C  C   . VAL A 1 58 ? 3.475   -0.226  9.916   1.00 26.22 ? 58  VAL A C   1 
ATOM   406 O  O   . VAL A 1 58 ? 3.662   -1.317  10.468  1.00 24.54 ? 58  VAL A O   1 
ATOM   407 C  CB  . VAL A 1 58 ? 1.410   -0.667  8.500   1.00 23.43 ? 58  VAL A CB  1 
ATOM   408 C  CG1 . VAL A 1 58 ? 0.539   0.265   9.322   1.00 28.19 ? 58  VAL A CG1 1 
ATOM   409 C  CG2 . VAL A 1 58 ? 0.863   -0.724  7.086   1.00 19.85 ? 58  VAL A CG2 1 
ATOM   410 N  N   . GLU A 1 59 ? 3.845   0.935   10.449  1.00 27.89 ? 59  GLU A N   1 
ATOM   411 C  CA  . GLU A 1 59 ? 4.426   1.025   11.786  1.00 35.84 ? 59  GLU A CA  1 
ATOM   412 C  C   . GLU A 1 59 ? 3.500   1.782   12.738  1.00 39.10 ? 59  GLU A C   1 
ATOM   413 C  CB  . GLU A 1 59 ? 5.802   1.705   11.729  1.00 37.20 ? 59  GLU A CB  1 
ATOM   414 C  CG  . GLU A 1 59 ? 6.860   0.913   10.979  0.00 40.85 ? 59  GLU A CG  1 
ATOM   415 C  CD  . GLU A 1 59 ? 8.195   1.629   10.921  0.00 42.65 ? 59  GLU A CD  1 
ATOM   416 O  OE1 . GLU A 1 59 ? 9.006   1.456   11.855  0.00 43.87 ? 59  GLU A OE1 1 
ATOM   417 O  OE2 . GLU A 1 59 ? 8.435   2.363   9.941   0.00 43.49 ? 59  GLU A OE2 1 
HETATM 418 FE FE1 . SF4 B 2 .  ? 2.675   -2.942  -4.883  1.00 13.71 ? 61  SF4 A FE1 1 
HETATM 419 FE FE2 . SF4 B 2 .  ? 0.746   -4.975  -5.130  1.00 16.17 ? 61  SF4 A FE2 1 
HETATM 420 FE FE3 . SF4 B 2 .  ? 0.269   -2.693  -3.525  1.00 13.33 ? 61  SF4 A FE3 1 
HETATM 421 FE FE4 . SF4 B 2 .  ? 2.142   -4.638  -2.798  1.00 14.67 ? 61  SF4 A FE4 1 
HETATM 422 S  S1  . SF4 B 2 .  ? -0.116  -4.903  -2.954  1.00 13.72 ? 61  SF4 A S1  1 
HETATM 423 S  S2  . SF4 B 2 .  ? 2.401   -2.376  -2.706  1.00 12.85 ? 61  SF4 A S2  1 
HETATM 424 S  S3  . SF4 B 2 .  ? 3.004   -5.216  -4.825  1.00 14.21 ? 61  SF4 A S3  1 
HETATM 425 S  S4  . SF4 B 2 .  ? 0.604   -2.702  -5.820  1.00 13.76 ? 61  SF4 A S4  1 
HETATM 426 O  O   . HOH C 3 .  ? -9.691  -1.025  -7.291  1.00 44.47 ? 62  HOH A O   1 
HETATM 427 O  O   . HOH C 3 .  ? -10.776 -0.178  -4.781  1.00 32.68 ? 63  HOH A O   1 
HETATM 428 O  O   . HOH C 3 .  ? -11.207 2.029   -6.122  1.00 53.45 ? 64  HOH A O   1 
HETATM 429 O  O   . HOH C 3 .  ? -7.218  4.800   -4.673  1.00 27.69 ? 65  HOH A O   1 
HETATM 430 O  O   . HOH C 3 .  ? -5.589  4.065   -9.599  1.00 45.77 ? 66  HOH A O   1 
HETATM 431 O  O   . HOH C 3 .  ? 0.766   8.443   -11.476 1.00 47.58 ? 67  HOH A O   1 
HETATM 432 O  O   . HOH C 3 .  ? 2.477   5.751   -8.584  1.00 41.16 ? 68  HOH A O   1 
HETATM 433 O  O   . HOH C 3 .  ? 6.106   2.869   -4.975  1.00 24.21 ? 69  HOH A O   1 
HETATM 434 O  O   . HOH C 3 .  ? 8.104   5.931   -11.324 1.00 37.37 ? 70  HOH A O   1 
HETATM 435 O  O   . HOH C 3 .  ? 4.036   -2.661  -12.698 1.00 39.89 ? 71  HOH A O   1 
HETATM 436 O  O   . HOH C 3 .  ? 1.124   -2.559  -13.026 1.00 21.61 ? 72  HOH A O   1 
HETATM 437 O  O   . HOH C 3 .  ? 1.742   -6.714  -11.127 1.00 18.10 ? 73  HOH A O   1 
HETATM 438 O  O   . HOH C 3 .  ? 5.589   -6.021  -12.105 1.00 24.25 ? 74  HOH A O   1 
HETATM 439 O  O   . HOH C 3 .  ? 7.654   -8.248  -11.575 1.00 30.85 ? 75  HOH A O   1 
HETATM 440 O  O   . HOH C 3 .  ? 10.123  -6.886  -10.221 1.00 55.16 ? 76  HOH A O   1 
HETATM 441 O  O   . HOH C 3 .  ? 10.057  -4.653  -8.678  1.00 30.22 ? 77  HOH A O   1 
HETATM 442 O  O   . HOH C 3 .  ? 15.169  -1.561  -1.358  1.00 41.89 ? 78  HOH A O   1 
HETATM 443 O  O   . HOH C 3 .  ? 8.339   -0.492  3.181   1.00 35.17 ? 79  HOH A O   1 
HETATM 444 O  O   . HOH C 3 .  ? 7.979   -3.150  3.802   1.00 43.29 ? 80  HOH A O   1 
HETATM 445 O  O   . HOH C 3 .  ? 6.162   -5.724  5.031   1.00 31.44 ? 81  HOH A O   1 
HETATM 446 O  O   . HOH C 3 .  ? 4.487   -7.712  4.958   1.00 36.93 ? 82  HOH A O   1 
HETATM 447 O  O   . HOH C 3 .  ? 2.712   -7.026  6.967   1.00 34.96 ? 83  HOH A O   1 
HETATM 448 O  O   . HOH C 3 .  ? 3.557   -5.735  2.768   1.00 14.71 ? 84  HOH A O   1 
HETATM 449 O  O   . HOH C 3 .  ? 4.000   -10.198 2.149   1.00 32.17 ? 85  HOH A O   1 
HETATM 450 O  O   . HOH C 3 .  ? 1.252   -11.387 1.729   1.00 23.22 ? 86  HOH A O   1 
HETATM 451 O  O   . HOH C 3 .  ? -1.497  -12.760 3.128   1.00 39.18 ? 87  HOH A O   1 
HETATM 452 O  O   . HOH C 3 .  ? 13.541  1.535   -2.726  1.00 46.94 ? 88  HOH A O   1 
HETATM 453 O  O   . HOH C 3 .  ? -1.216  -9.897  -6.195  1.00 48.22 ? 89  HOH A O   1 
HETATM 454 O  O   . HOH C 3 .  ? -8.320  -7.926  -3.934  0.40 28.42 ? 90  HOH A O   1 
HETATM 455 O  O   . HOH C 3 .  ? -9.211  -6.680  4.381   1.00 52.46 ? 91  HOH A O   1 
HETATM 456 O  O   . HOH C 3 .  ? -8.959  -7.536  9.293   1.00 47.52 ? 92  HOH A O   1 
HETATM 457 O  O   . HOH C 3 .  ? -7.185  -4.391  10.100  1.00 44.60 ? 93  HOH A O   1 
HETATM 458 O  O   . HOH C 3 .  ? -10.049 2.864   2.299   1.00 25.06 ? 94  HOH A O   1 
HETATM 459 O  O   . HOH C 3 .  ? -13.391 7.937   2.104   1.00 34.29 ? 95  HOH A O   1 
HETATM 460 O  O   . HOH C 3 .  ? -15.216 10.177  2.715   0.50 40.37 ? 96  HOH A O   1 
HETATM 461 O  O   . HOH C 3 .  ? -9.976  8.471   4.703   1.00 51.32 ? 97  HOH A O   1 
HETATM 462 O  O   . HOH C 3 .  ? -7.424  9.361   0.652   1.00 31.80 ? 98  HOH A O   1 
HETATM 463 O  O   . HOH C 3 .  ? 4.323   9.901   8.172   1.00 20.60 ? 99  HOH A O   1 
HETATM 464 O  O   . HOH C 3 .  ? 9.878   4.098   7.931   1.00 51.32 ? 100 HOH A O   1 
HETATM 465 O  O   . HOH C 3 .  ? 6.115   2.046   7.819   1.00 26.99 ? 101 HOH A O   1 
# 
